data_1TVE
#
_entry.id   1TVE
#
_cell.length_a   72.456
_cell.length_b   54.379
_cell.length_c   92.497
_cell.angle_alpha   90.00
_cell.angle_beta   98.97
_cell.angle_gamma   90.00
#
_symmetry.space_group_name_H-M   'P 1 21 1'
#
loop_
_entity.id
_entity.type
_entity.pdbx_description
1 polymer 'Homoserine dehydrogenase'
2 non-polymer 4-(4-HYDROXY-3-ISOPROPYLPHENYLTHIO)-2-ISOPROPYLPHENOL
#
_entity_poly.entity_id   1
_entity_poly.type   'polypeptide(L)'
_entity_poly.pdbx_seq_one_letter_code
;STKVVNVAVIGAGVVGSAFLDQLLAMKSTITYNLVLLAEAERSLISKDFSPLNVGSDWKAALAASTTKTLPLDDLIAHLK
TSPKPVILVDNTSSAYIAGFYTKFVENGISIATPNKKAFSSDLATWKALFSNKPTNGFVYHEATVGAGLPIISFLREIIQ
TGDEVEKIEGIFSGTLSYIFNEFSTSQANDVKFSDVVKVAKKLGYTEPDPRDDLNGLDVARKVTIVGRISGVEVESPTSF
PVQSLIPKPLESVKSADEFLEKLSDYDKDLTQLKKEAATENKVLRFIGKVDVATKSVSVGIEKYDYSHPFASLKGSDNVI
SIKTKRYTNPVVIQGAGAGAAVTAAGVLGDVIKIAQRL
;
_entity_poly.pdbx_strand_id   A,B
#
loop_
_chem_comp.id
_chem_comp.type
_chem_comp.name
_chem_comp.formula
178 non-polymer 4-(4-HYDROXY-3-ISOPROPYLPHENYLTHIO)-2-ISOPROPYLPHENOL 'C18 H22 O2 S'
#
# COMPACT_ATOMS: atom_id res chain seq x y z
N SER A 1 6.04 -20.46 -19.44
CA SER A 1 6.15 -19.52 -18.28
C SER A 1 7.24 -19.97 -17.32
N THR A 2 7.45 -19.18 -16.26
CA THR A 2 8.46 -19.49 -15.25
C THR A 2 7.85 -19.71 -13.87
N LYS A 3 7.33 -20.93 -13.66
CA LYS A 3 6.71 -21.29 -12.38
C LYS A 3 7.66 -22.14 -11.56
N VAL A 4 8.92 -22.19 -11.97
CA VAL A 4 9.93 -22.96 -11.27
C VAL A 4 10.96 -22.03 -10.66
N VAL A 5 10.96 -21.93 -9.33
CA VAL A 5 11.89 -21.07 -8.61
C VAL A 5 12.24 -21.67 -7.25
N ASN A 6 13.55 -21.80 -6.98
CA ASN A 6 14.01 -22.36 -5.72
C ASN A 6 14.26 -21.28 -4.67
N VAL A 7 13.92 -21.58 -3.42
CA VAL A 7 14.08 -20.62 -2.34
C VAL A 7 14.89 -21.15 -1.14
N ALA A 8 15.71 -20.28 -0.57
CA ALA A 8 16.53 -20.61 0.58
C ALA A 8 16.05 -19.78 1.77
N VAL A 9 15.72 -20.45 2.87
CA VAL A 9 15.22 -19.77 4.05
C VAL A 9 16.16 -19.85 5.25
N ILE A 10 16.69 -18.72 5.68
CA ILE A 10 17.58 -18.64 6.83
C ILE A 10 16.86 -17.98 8.00
N GLY A 11 16.81 -18.68 9.14
CA GLY A 11 16.16 -18.14 10.31
C GLY A 11 14.71 -18.59 10.41
N ALA A 12 14.29 -18.97 11.61
CA ALA A 12 12.92 -19.42 11.82
C ALA A 12 12.50 -19.16 13.27
N GLY A 13 12.84 -17.99 13.77
CA GLY A 13 12.49 -17.63 15.14
C GLY A 13 11.00 -17.40 15.31
N VAL A 14 10.53 -16.27 14.79
CA VAL A 14 9.12 -15.93 14.89
C VAL A 14 8.58 -15.59 13.51
N VAL A 15 8.94 -14.43 12.98
CA VAL A 15 8.47 -14.05 11.66
C VAL A 15 9.02 -15.06 10.67
N GLY A 16 10.02 -15.81 11.11
CA GLY A 16 10.60 -16.84 10.26
C GLY A 16 9.72 -18.06 10.35
N SER A 17 9.18 -18.28 11.55
CA SER A 17 8.30 -19.42 11.83
C SER A 17 6.98 -19.25 11.08
N ALA A 18 6.44 -18.03 11.08
CA ALA A 18 5.20 -17.75 10.39
C ALA A 18 5.43 -17.76 8.88
N PHE A 19 6.58 -17.23 8.47
CA PHE A 19 6.91 -17.19 7.05
C PHE A 19 6.87 -18.57 6.41
N LEU A 20 7.37 -19.58 7.11
CA LEU A 20 7.36 -20.93 6.59
C LEU A 20 5.95 -21.49 6.59
N ASP A 21 5.29 -21.42 7.76
CA ASP A 21 3.91 -21.89 7.91
C ASP A 21 3.07 -21.41 6.72
N GLN A 22 3.29 -20.16 6.32
CA GLN A 22 2.56 -19.56 5.21
C GLN A 22 3.09 -19.94 3.83
N LEU A 23 4.40 -19.91 3.65
CA LEU A 23 5.02 -20.25 2.37
C LEU A 23 4.49 -21.55 1.77
N LEU A 24 4.18 -22.53 2.61
CA LEU A 24 3.68 -23.81 2.12
C LEU A 24 2.17 -23.82 1.95
N ALA A 25 1.44 -23.53 3.03
CA ALA A 25 -0.02 -23.51 2.96
C ALA A 25 -0.48 -22.46 1.94
N MET A 26 0.48 -21.79 1.32
CA MET A 26 0.21 -20.75 0.33
C MET A 26 -0.09 -21.30 -1.06
N LYS A 27 -1.35 -21.65 -1.30
CA LYS A 27 -1.76 -22.15 -2.60
C LYS A 27 -1.59 -21.02 -3.61
N SER A 28 -0.81 -21.28 -4.66
CA SER A 28 -0.56 -20.28 -5.69
C SER A 28 -0.36 -20.90 -7.06
N THR A 29 -0.35 -20.05 -8.08
CA THR A 29 -0.16 -20.51 -9.45
C THR A 29 1.29 -20.92 -9.65
N ILE A 30 2.22 -20.10 -9.15
CA ILE A 30 3.64 -20.37 -9.27
C ILE A 30 4.03 -21.49 -8.31
N THR A 31 5.26 -22.00 -8.45
CA THR A 31 5.74 -23.07 -7.59
C THR A 31 7.01 -22.66 -6.86
N TYR A 32 6.95 -22.69 -5.53
CA TYR A 32 8.08 -22.31 -4.69
C TYR A 32 8.68 -23.54 -4.01
N ASN A 33 9.94 -23.83 -4.34
CA ASN A 33 10.63 -24.98 -3.78
C ASN A 33 11.63 -24.54 -2.70
N LEU A 34 11.38 -24.97 -1.46
CA LEU A 34 12.26 -24.64 -0.35
C LEU A 34 13.43 -25.63 -0.41
N VAL A 35 14.51 -25.21 -1.06
CA VAL A 35 15.69 -26.06 -1.22
C VAL A 35 16.56 -26.18 0.03
N LEU A 36 16.32 -25.31 1.01
CA LEU A 36 17.13 -25.37 2.23
C LEU A 36 16.57 -24.51 3.36
N LEU A 37 16.55 -25.09 4.55
CA LEU A 37 16.07 -24.41 5.76
C LEU A 37 17.22 -24.49 6.76
N ALA A 38 17.94 -23.38 6.93
CA ALA A 38 19.07 -23.36 7.85
C ALA A 38 18.92 -22.45 9.07
N GLU A 39 18.55 -23.05 10.20
CA GLU A 39 18.41 -22.32 11.45
C GLU A 39 19.63 -22.65 12.29
N ALA A 40 20.11 -21.67 13.07
CA ALA A 40 21.29 -21.86 13.92
C ALA A 40 22.26 -22.83 13.27
N GLU A 41 22.43 -24.01 13.89
CA GLU A 41 23.31 -25.05 13.39
C GLU A 41 22.51 -26.11 12.64
N ARG A 42 21.47 -26.63 13.29
CA ARG A 42 20.63 -27.65 12.66
C ARG A 42 19.97 -27.06 11.41
N SER A 43 20.34 -27.58 10.24
CA SER A 43 19.76 -27.10 8.99
C SER A 43 19.03 -28.21 8.24
N LEU A 44 18.48 -27.87 7.08
CA LEU A 44 17.76 -28.82 6.24
C LEU A 44 18.04 -28.50 4.78
N ILE A 45 19.29 -28.62 4.39
CA ILE A 45 19.73 -28.35 3.02
C ILE A 45 19.21 -29.47 2.09
N SER A 46 19.27 -29.20 0.79
CA SER A 46 18.83 -30.19 -0.20
C SER A 46 19.84 -30.24 -1.34
N LYS A 47 20.88 -31.06 -1.16
CA LYS A 47 21.94 -31.21 -2.16
C LYS A 47 21.31 -31.41 -3.52
N ASP A 48 20.39 -32.38 -3.54
CA ASP A 48 19.65 -32.75 -4.73
C ASP A 48 19.12 -31.48 -5.39
N PHE A 49 18.84 -30.47 -4.56
CA PHE A 49 18.33 -29.18 -5.01
C PHE A 49 16.92 -29.30 -5.58
N SER A 50 16.07 -29.98 -4.82
CA SER A 50 14.68 -30.18 -5.18
C SER A 50 13.88 -30.05 -3.88
N PRO A 51 12.60 -29.67 -3.98
CA PRO A 51 11.75 -29.52 -2.79
C PRO A 51 12.11 -30.47 -1.67
N LEU A 52 12.09 -29.96 -0.44
CA LEU A 52 12.44 -30.75 0.73
C LEU A 52 11.37 -31.74 1.15
N ASN A 53 11.70 -32.52 2.18
CA ASN A 53 10.83 -33.55 2.74
C ASN A 53 10.47 -33.20 4.18
N VAL A 54 9.84 -32.04 4.37
CA VAL A 54 9.44 -31.59 5.70
C VAL A 54 7.97 -31.21 5.76
N GLY A 55 7.43 -30.80 4.61
CA GLY A 55 6.03 -30.40 4.57
C GLY A 55 5.72 -29.41 5.69
N SER A 56 4.47 -29.37 6.15
CA SER A 56 4.08 -28.46 7.22
C SER A 56 4.52 -29.00 8.57
N ASP A 57 5.71 -29.60 8.59
CA ASP A 57 6.27 -30.17 9.81
C ASP A 57 7.79 -30.02 9.83
N TRP A 58 8.23 -28.76 9.86
CA TRP A 58 9.66 -28.42 9.88
C TRP A 58 10.16 -28.29 11.31
N LYS A 59 9.21 -28.32 12.25
CA LYS A 59 9.53 -28.18 13.67
C LYS A 59 10.68 -29.09 14.09
N ALA A 60 10.40 -30.39 14.16
CA ALA A 60 11.43 -31.35 14.54
C ALA A 60 12.19 -31.84 13.32
N ALA A 61 11.57 -31.74 12.14
CA ALA A 61 12.20 -32.15 10.90
C ALA A 61 13.57 -31.50 10.80
N LEU A 62 13.63 -30.22 11.17
CA LEU A 62 14.88 -29.47 11.17
C LEU A 62 15.63 -29.83 12.45
N ALA A 63 14.88 -30.01 13.53
CA ALA A 63 15.46 -30.37 14.82
C ALA A 63 16.28 -31.64 14.68
N ALA A 64 15.60 -32.76 14.48
CA ALA A 64 16.27 -34.04 14.30
C ALA A 64 17.43 -33.83 13.34
N SER A 65 17.10 -33.65 12.06
CA SER A 65 18.09 -33.44 11.00
C SER A 65 19.53 -33.37 11.48
N THR A 66 20.30 -34.42 11.20
CA THR A 66 21.70 -34.47 11.61
C THR A 66 22.57 -33.56 10.75
N THR A 67 21.97 -32.48 10.24
CA THR A 67 22.69 -31.55 9.39
C THR A 67 23.13 -30.28 10.10
N LYS A 68 24.42 -29.97 9.97
CA LYS A 68 25.01 -28.77 10.56
C LYS A 68 24.90 -27.66 9.52
N THR A 69 24.65 -26.43 9.98
CA THR A 69 24.47 -25.28 9.10
C THR A 69 25.66 -24.90 8.22
N LEU A 70 25.36 -24.66 6.94
CA LEU A 70 26.36 -24.29 5.94
C LEU A 70 26.98 -22.93 6.14
N PRO A 71 28.29 -22.81 5.90
CA PRO A 71 29.00 -21.54 6.04
C PRO A 71 28.51 -20.58 4.95
N LEU A 72 28.31 -19.32 5.33
CA LEU A 72 27.82 -18.30 4.41
C LEU A 72 28.68 -18.16 3.14
N ASP A 73 29.98 -17.92 3.30
CA ASP A 73 30.86 -17.77 2.15
C ASP A 73 30.75 -18.97 1.24
N ASP A 74 30.28 -20.09 1.79
CA ASP A 74 30.11 -21.32 1.05
C ASP A 74 28.67 -21.48 0.58
N LEU A 75 27.76 -20.76 1.23
CA LEU A 75 26.33 -20.83 0.87
C LEU A 75 26.08 -20.10 -0.44
N ILE A 76 26.68 -18.91 -0.56
CA ILE A 76 26.55 -18.09 -1.76
C ILE A 76 27.06 -18.93 -2.92
N ALA A 77 28.08 -19.74 -2.64
CA ALA A 77 28.69 -20.62 -3.64
C ALA A 77 27.72 -21.74 -4.02
N HIS A 78 27.27 -22.50 -3.03
CA HIS A 78 26.32 -23.60 -3.27
C HIS A 78 25.24 -23.16 -4.26
N LEU A 79 24.69 -21.98 -4.02
CA LEU A 79 23.60 -21.43 -4.83
C LEU A 79 23.99 -20.97 -6.24
N LYS A 80 25.20 -20.45 -6.42
CA LYS A 80 25.60 -19.98 -7.74
C LYS A 80 25.28 -21.05 -8.78
N THR A 81 25.26 -22.31 -8.32
CA THR A 81 24.94 -23.44 -9.17
C THR A 81 23.67 -24.07 -8.63
N SER A 82 22.52 -23.54 -9.05
CA SER A 82 21.22 -24.03 -8.60
C SER A 82 20.29 -24.21 -9.80
N PRO A 83 19.29 -25.12 -9.67
CA PRO A 83 18.34 -25.38 -10.77
C PRO A 83 17.78 -24.10 -11.41
N LYS A 84 16.54 -23.78 -11.08
CA LYS A 84 15.88 -22.60 -11.62
C LYS A 84 16.08 -21.44 -10.65
N PRO A 85 15.60 -20.23 -11.02
CA PRO A 85 15.73 -19.02 -10.19
C PRO A 85 15.72 -19.28 -8.68
N VAL A 86 16.55 -18.55 -7.95
CA VAL A 86 16.63 -18.76 -6.50
C VAL A 86 16.31 -17.52 -5.67
N ILE A 87 15.82 -17.74 -4.46
CA ILE A 87 15.48 -16.65 -3.56
C ILE A 87 16.04 -16.88 -2.15
N LEU A 88 16.16 -15.79 -1.39
CA LEU A 88 16.67 -15.83 -0.01
C LEU A 88 15.71 -15.05 0.88
N VAL A 89 15.35 -15.63 2.02
CA VAL A 89 14.41 -15.01 2.96
C VAL A 89 14.95 -14.82 4.37
N ASP A 90 16.03 -14.07 4.50
CA ASP A 90 16.67 -13.81 5.78
C ASP A 90 15.72 -13.33 6.88
N ASN A 91 15.16 -14.28 7.63
CA ASN A 91 14.24 -13.96 8.72
C ASN A 91 14.96 -13.55 10.00
N THR A 92 16.19 -13.07 9.88
CA THR A 92 16.96 -12.67 11.05
C THR A 92 17.13 -11.18 11.19
N SER A 93 17.94 -10.79 12.17
CA SER A 93 18.22 -9.40 12.46
C SER A 93 19.74 -9.21 12.45
N SER A 94 20.46 -10.31 12.39
CA SER A 94 21.92 -10.28 12.36
C SER A 94 22.43 -9.31 11.28
N ALA A 95 23.49 -8.58 11.61
CA ALA A 95 24.09 -7.64 10.69
C ALA A 95 25.18 -8.38 9.95
N TYR A 96 25.50 -9.56 10.48
CA TYR A 96 26.52 -10.42 9.90
C TYR A 96 26.04 -10.98 8.56
N ILE A 97 24.75 -11.32 8.49
CA ILE A 97 24.19 -11.86 7.26
C ILE A 97 23.99 -10.76 6.21
N ALA A 98 23.40 -9.65 6.62
CA ALA A 98 23.16 -8.53 5.71
C ALA A 98 24.49 -7.96 5.25
N GLY A 99 25.50 -8.04 6.12
CA GLY A 99 26.81 -7.53 5.77
C GLY A 99 27.29 -8.18 4.48
N PHE A 100 26.70 -9.34 4.18
CA PHE A 100 27.04 -10.06 2.98
C PHE A 100 25.90 -10.08 1.96
N TYR A 101 25.12 -8.99 1.93
CA TYR A 101 24.01 -8.90 0.97
C TYR A 101 24.56 -8.53 -0.39
N THR A 102 25.83 -8.16 -0.41
CA THR A 102 26.46 -7.79 -1.67
C THR A 102 26.74 -9.08 -2.44
N LYS A 103 27.43 -10.01 -1.79
CA LYS A 103 27.77 -11.27 -2.43
C LYS A 103 26.54 -12.00 -2.96
N PHE A 104 25.55 -12.23 -2.10
CA PHE A 104 24.33 -12.91 -2.50
C PHE A 104 23.78 -12.37 -3.83
N VAL A 105 23.50 -11.07 -3.85
CA VAL A 105 22.96 -10.43 -5.05
C VAL A 105 23.96 -10.36 -6.20
N GLU A 106 25.21 -10.00 -5.92
CA GLU A 106 26.22 -9.94 -6.98
C GLU A 106 26.27 -11.31 -7.66
N ASN A 107 25.76 -12.31 -6.96
CA ASN A 107 25.73 -13.67 -7.47
C ASN A 107 24.30 -14.07 -7.82
N GLY A 108 23.58 -13.16 -8.49
CA GLY A 108 22.22 -13.41 -8.92
C GLY A 108 21.17 -13.64 -7.84
N ILE A 109 21.55 -14.30 -6.75
CA ILE A 109 20.64 -14.60 -5.65
C ILE A 109 19.68 -13.46 -5.31
N SER A 110 18.42 -13.82 -5.08
CA SER A 110 17.39 -12.85 -4.75
C SER A 110 17.14 -12.85 -3.24
N ILE A 111 16.64 -11.74 -2.70
CA ILE A 111 16.39 -11.65 -1.26
C ILE A 111 15.14 -10.83 -0.94
N ALA A 112 14.56 -11.13 0.21
CA ALA A 112 13.36 -10.46 0.68
C ALA A 112 13.43 -10.47 2.20
N THR A 113 14.24 -9.58 2.76
CA THR A 113 14.43 -9.53 4.20
C THR A 113 13.72 -8.43 4.95
N PRO A 114 13.36 -8.69 6.22
CA PRO A 114 12.68 -7.75 7.10
C PRO A 114 13.76 -7.14 8.03
N ASN A 115 15.01 -7.50 7.75
CA ASN A 115 16.18 -7.03 8.50
C ASN A 115 16.73 -5.74 7.92
N LYS A 116 16.70 -4.68 8.73
CA LYS A 116 17.16 -3.37 8.34
C LYS A 116 18.64 -3.24 7.99
N LYS A 117 19.47 -3.53 8.99
CA LYS A 117 20.93 -3.47 8.89
C LYS A 117 21.50 -2.99 7.56
N ALA A 118 21.36 -3.80 6.51
CA ALA A 118 21.90 -3.43 5.21
C ALA A 118 21.30 -2.15 4.66
N PHE A 119 19.98 -2.01 4.82
CA PHE A 119 19.27 -0.85 4.29
C PHE A 119 19.37 0.39 5.17
N SER A 120 19.88 0.21 6.39
CA SER A 120 20.03 1.34 7.30
C SER A 120 21.50 1.55 7.69
N SER A 121 22.34 0.57 7.39
CA SER A 121 23.75 0.69 7.73
C SER A 121 24.46 1.65 6.80
N ASP A 122 25.39 1.13 6.01
CA ASP A 122 26.17 1.94 5.08
C ASP A 122 25.34 2.70 4.03
N LEU A 123 25.96 3.70 3.40
CA LEU A 123 25.27 4.49 2.38
C LEU A 123 25.73 4.12 0.98
N ALA A 124 26.83 3.39 0.91
CA ALA A 124 27.37 2.95 -0.37
C ALA A 124 26.98 1.49 -0.50
N THR A 125 26.46 0.95 0.59
CA THR A 125 26.01 -0.42 0.60
C THR A 125 24.55 -0.40 0.17
N TRP A 126 24.10 0.79 -0.25
CA TRP A 126 22.74 0.98 -0.74
C TRP A 126 22.87 1.37 -2.20
N LYS A 127 23.90 2.15 -2.51
CA LYS A 127 24.16 2.58 -3.88
C LYS A 127 24.84 1.43 -4.61
N ALA A 128 24.17 0.28 -4.63
CA ALA A 128 24.69 -0.92 -5.29
C ALA A 128 23.64 -2.00 -5.21
N LEU A 129 23.12 -2.23 -4.01
CA LEU A 129 22.09 -3.24 -3.81
C LEU A 129 20.86 -2.84 -4.60
N PHE A 130 20.93 -1.66 -5.20
CA PHE A 130 19.83 -1.12 -5.99
C PHE A 130 20.30 -0.54 -7.32
N SER A 131 21.48 -0.94 -7.77
CA SER A 131 22.02 -0.46 -9.03
C SER A 131 21.20 -1.06 -10.17
N ASN A 132 21.46 -0.63 -11.39
CA ASN A 132 20.70 -1.14 -12.55
C ASN A 132 21.44 -2.27 -13.28
N LYS A 133 22.27 -3.01 -12.56
CA LYS A 133 23.00 -4.11 -13.18
C LYS A 133 22.03 -5.30 -13.21
N PRO A 134 21.54 -5.67 -14.40
CA PRO A 134 20.60 -6.77 -14.56
C PRO A 134 21.17 -8.15 -14.25
N THR A 135 22.46 -8.22 -13.96
CA THR A 135 23.09 -9.49 -13.65
C THR A 135 22.87 -9.93 -12.20
N ASN A 136 22.68 -8.96 -11.30
CA ASN A 136 22.47 -9.29 -9.90
C ASN A 136 21.00 -9.53 -9.57
N GLY A 137 20.74 -9.99 -8.34
CA GLY A 137 19.38 -10.30 -7.92
C GLY A 137 18.51 -9.18 -7.38
N PHE A 138 17.34 -9.56 -6.88
CA PHE A 138 16.37 -8.61 -6.33
C PHE A 138 16.41 -8.53 -4.81
N VAL A 139 16.10 -7.36 -4.28
CA VAL A 139 16.07 -7.13 -2.85
C VAL A 139 14.76 -6.44 -2.48
N TYR A 140 13.93 -7.13 -1.70
CA TYR A 140 12.66 -6.58 -1.28
C TYR A 140 12.57 -6.65 0.24
N HIS A 141 12.28 -5.51 0.88
CA HIS A 141 12.23 -5.47 2.33
C HIS A 141 10.99 -4.80 2.91
N GLU A 142 9.88 -4.87 2.18
CA GLU A 142 8.64 -4.26 2.63
C GLU A 142 8.36 -4.42 4.12
N ALA A 143 8.84 -5.53 4.70
CA ALA A 143 8.61 -5.80 6.11
C ALA A 143 9.59 -5.08 7.01
N THR A 144 10.53 -4.34 6.42
CA THR A 144 11.53 -3.62 7.20
C THR A 144 10.92 -2.39 7.86
N VAL A 145 9.91 -1.84 7.21
CA VAL A 145 9.23 -0.67 7.74
C VAL A 145 7.74 -0.95 7.85
N GLY A 146 7.03 -0.85 6.74
CA GLY A 146 5.61 -1.10 6.81
C GLY A 146 5.22 -2.37 7.58
N ALA A 147 6.06 -3.39 7.45
CA ALA A 147 5.81 -4.70 8.07
C ALA A 147 4.80 -5.31 7.09
N GLY A 148 3.64 -5.73 7.59
CA GLY A 148 2.66 -6.28 6.68
C GLY A 148 2.13 -5.19 5.76
N LEU A 149 2.47 -3.94 6.10
CA LEU A 149 2.06 -2.76 5.36
C LEU A 149 2.90 -2.51 4.12
N PRO A 150 2.32 -1.81 3.11
CA PRO A 150 2.98 -1.49 1.84
C PRO A 150 3.67 -0.13 1.71
N ILE A 151 4.43 0.27 2.71
CA ILE A 151 5.09 1.57 2.67
C ILE A 151 6.19 1.70 1.62
N ILE A 152 7.16 0.80 1.65
CA ILE A 152 8.24 0.86 0.67
C ILE A 152 7.67 0.57 -0.71
N SER A 153 6.77 -0.42 -0.76
CA SER A 153 6.13 -0.85 -1.99
C SER A 153 5.43 0.30 -2.69
N PHE A 154 4.82 1.17 -1.89
CA PHE A 154 4.08 2.31 -2.41
C PHE A 154 4.94 3.52 -2.76
N LEU A 155 5.95 3.80 -1.93
CA LEU A 155 6.83 4.94 -2.16
C LEU A 155 7.65 4.80 -3.46
N ARG A 156 8.32 3.67 -3.62
CA ARG A 156 9.14 3.39 -4.80
C ARG A 156 8.36 3.76 -6.05
N GLU A 157 7.17 3.17 -6.17
CA GLU A 157 6.25 3.36 -7.30
C GLU A 157 5.89 4.81 -7.55
N ILE A 158 5.23 5.42 -6.58
CA ILE A 158 4.83 6.81 -6.69
C ILE A 158 6.02 7.64 -7.17
N ILE A 159 7.21 7.21 -6.77
CA ILE A 159 8.43 7.92 -7.16
C ILE A 159 8.77 7.86 -8.65
N GLN A 160 8.86 6.65 -9.20
CA GLN A 160 9.17 6.49 -10.62
C GLN A 160 8.17 7.24 -11.48
N THR A 161 6.89 7.13 -11.13
CA THR A 161 5.86 7.82 -11.90
C THR A 161 6.23 9.29 -11.99
N GLY A 162 7.00 9.76 -11.02
CA GLY A 162 7.43 11.15 -11.03
C GLY A 162 7.06 12.02 -9.84
N ASP A 163 6.41 11.43 -8.84
CA ASP A 163 6.05 12.25 -7.68
C ASP A 163 7.30 12.49 -6.85
N GLU A 164 7.31 13.59 -6.11
CA GLU A 164 8.43 13.94 -5.26
C GLU A 164 7.97 14.09 -3.80
N VAL A 165 8.58 13.32 -2.88
CA VAL A 165 8.20 13.37 -1.48
C VAL A 165 8.66 14.68 -0.84
N GLU A 166 8.06 15.05 0.28
CA GLU A 166 8.45 16.28 0.94
C GLU A 166 8.60 16.02 2.42
N LYS A 167 7.59 15.37 3.01
CA LYS A 167 7.61 15.06 4.43
C LYS A 167 7.05 13.68 4.73
N ILE A 168 7.56 13.07 5.80
CA ILE A 168 7.14 11.77 6.27
C ILE A 168 7.13 11.73 7.79
N GLU A 169 5.97 11.91 8.38
CA GLU A 169 5.83 11.88 9.83
C GLU A 169 5.08 10.62 10.25
N GLY A 170 5.68 9.84 11.14
CA GLY A 170 5.01 8.63 11.56
C GLY A 170 5.50 7.94 12.83
N ILE A 171 4.68 6.99 13.27
CA ILE A 171 4.92 6.16 14.44
C ILE A 171 5.44 4.86 13.85
N PHE A 172 6.76 4.66 13.89
CA PHE A 172 7.39 3.48 13.32
C PHE A 172 7.77 2.40 14.31
N SER A 173 7.35 2.54 15.57
CA SER A 173 7.75 1.56 16.57
C SER A 173 6.62 1.03 17.42
N GLY A 174 6.46 -0.29 17.38
CA GLY A 174 5.43 -0.91 18.18
C GLY A 174 5.65 -0.63 19.64
N THR A 175 6.79 -1.03 20.18
CA THR A 175 7.07 -0.79 21.58
C THR A 175 6.83 0.66 22.01
N LEU A 176 7.61 1.59 21.46
CA LEU A 176 7.49 3.00 21.80
C LEU A 176 6.09 3.60 21.66
N SER A 177 5.27 3.05 20.77
CA SER A 177 3.93 3.58 20.62
C SER A 177 3.14 3.06 21.81
N TYR A 178 3.11 1.75 21.98
CA TYR A 178 2.42 1.17 23.12
C TYR A 178 2.78 1.93 24.38
N ILE A 179 4.09 2.07 24.63
CA ILE A 179 4.59 2.78 25.81
C ILE A 179 4.02 4.20 25.92
N PHE A 180 4.24 5.02 24.89
CA PHE A 180 3.74 6.39 24.88
C PHE A 180 2.20 6.50 24.88
N ASN A 181 1.55 5.61 24.15
CA ASN A 181 0.09 5.61 24.07
C ASN A 181 -0.52 5.39 25.45
N GLU A 182 0.22 4.69 26.30
CA GLU A 182 -0.21 4.38 27.66
C GLU A 182 0.24 5.42 28.67
N PHE A 183 1.47 5.91 28.49
CA PHE A 183 2.04 6.91 29.37
C PHE A 183 1.37 8.29 29.21
N SER A 184 1.17 8.72 27.96
CA SER A 184 0.54 10.00 27.70
C SER A 184 -0.76 9.79 26.95
N THR A 185 -1.87 10.17 27.58
CA THR A 185 -3.20 10.02 27.00
C THR A 185 -3.93 11.36 27.02
N SER A 186 -5.19 11.35 26.57
CA SER A 186 -5.98 12.56 26.56
C SER A 186 -6.79 12.62 27.84
N GLN A 187 -6.94 11.47 28.50
CA GLN A 187 -7.69 11.37 29.74
C GLN A 187 -6.90 12.08 30.82
N ALA A 188 -5.60 12.14 30.60
CA ALA A 188 -4.69 12.77 31.54
C ALA A 188 -4.58 11.91 32.80
N ASN A 189 -3.41 11.30 32.95
CA ASN A 189 -3.08 10.45 34.09
C ASN A 189 -1.66 10.87 34.46
N ASP A 190 -1.10 10.28 35.52
CA ASP A 190 0.27 10.63 35.93
C ASP A 190 1.16 9.41 36.02
N VAL A 191 0.81 8.38 35.27
CA VAL A 191 1.57 7.14 35.24
C VAL A 191 3.03 7.50 35.02
N LYS A 192 3.93 6.83 35.73
CA LYS A 192 5.35 7.08 35.56
C LYS A 192 5.89 6.30 34.37
N PHE A 193 6.92 6.85 33.76
CA PHE A 193 7.55 6.21 32.62
C PHE A 193 8.12 4.88 33.08
N SER A 194 8.75 4.86 34.24
CA SER A 194 9.32 3.64 34.76
C SER A 194 8.27 2.52 34.69
N ASP A 195 7.21 2.64 35.49
CA ASP A 195 6.15 1.63 35.52
C ASP A 195 5.65 1.21 34.15
N VAL A 196 5.38 2.15 33.25
CA VAL A 196 4.91 1.73 31.93
C VAL A 196 5.93 0.83 31.27
N VAL A 197 7.15 1.32 31.05
CA VAL A 197 8.16 0.48 30.40
C VAL A 197 8.32 -0.85 31.12
N LYS A 198 8.16 -0.82 32.45
CA LYS A 198 8.25 -2.05 33.24
C LYS A 198 7.16 -3.00 32.74
N VAL A 199 5.91 -2.61 32.99
CA VAL A 199 4.74 -3.37 32.56
C VAL A 199 4.87 -3.82 31.11
N ALA A 200 5.45 -2.97 30.29
CA ALA A 200 5.60 -3.28 28.88
C ALA A 200 6.58 -4.42 28.65
N LYS A 201 7.53 -4.60 29.56
CA LYS A 201 8.51 -5.67 29.42
C LYS A 201 7.87 -6.95 29.97
N LYS A 202 7.07 -6.80 31.01
CA LYS A 202 6.36 -7.91 31.63
C LYS A 202 5.47 -8.61 30.60
N LEU A 203 4.83 -7.86 29.72
CA LEU A 203 3.95 -8.45 28.70
C LEU A 203 4.74 -8.83 27.45
N GLY A 204 6.06 -8.62 27.50
CA GLY A 204 6.90 -8.95 26.37
C GLY A 204 6.70 -8.07 25.15
N TYR A 205 6.32 -6.82 25.35
CA TYR A 205 6.13 -5.89 24.25
C TYR A 205 7.46 -5.27 23.84
N THR A 206 8.45 -5.30 24.74
CA THR A 206 9.77 -4.75 24.46
C THR A 206 10.74 -5.90 24.22
N GLU A 207 11.98 -5.57 23.90
CA GLU A 207 13.01 -6.58 23.68
C GLU A 207 13.34 -7.13 25.05
N PRO A 208 14.02 -8.29 25.12
CA PRO A 208 14.36 -8.86 26.43
C PRO A 208 15.03 -7.74 27.23
N ASP A 209 15.80 -6.92 26.54
CA ASP A 209 16.43 -5.76 27.16
C ASP A 209 15.76 -4.56 26.49
N PRO A 210 14.90 -3.85 27.24
CA PRO A 210 14.21 -2.69 26.69
C PRO A 210 15.12 -1.67 26.01
N ARG A 211 16.33 -1.53 26.52
CA ARG A 211 17.29 -0.57 25.97
C ARG A 211 17.34 -0.58 24.44
N ASP A 212 17.36 -1.76 23.84
CA ASP A 212 17.42 -1.92 22.39
C ASP A 212 16.26 -1.24 21.69
N ASP A 213 15.27 -0.85 22.48
CA ASP A 213 14.07 -0.18 21.99
C ASP A 213 14.07 1.29 22.38
N LEU A 214 14.51 1.56 23.60
CA LEU A 214 14.54 2.92 24.13
C LEU A 214 15.52 3.89 23.52
N ASN A 215 16.55 3.39 22.84
CA ASN A 215 17.55 4.28 22.26
C ASN A 215 17.22 4.79 20.86
N GLY A 216 15.98 4.60 20.43
CA GLY A 216 15.56 5.10 19.13
C GLY A 216 16.19 4.41 17.94
N LEU A 217 17.19 3.58 18.22
CA LEU A 217 17.92 2.84 17.20
C LEU A 217 16.98 2.35 16.09
N ASP A 218 16.11 1.42 16.43
CA ASP A 218 15.14 0.84 15.49
C ASP A 218 14.51 1.90 14.61
N VAL A 219 13.80 2.84 15.21
CA VAL A 219 13.13 3.89 14.48
C VAL A 219 14.13 4.61 13.59
N ALA A 220 15.22 5.05 14.20
CA ALA A 220 16.27 5.76 13.48
C ALA A 220 16.66 5.03 12.20
N ARG A 221 16.70 3.70 12.26
CA ARG A 221 17.04 2.89 11.11
C ARG A 221 15.91 2.89 10.08
N LYS A 222 14.69 2.70 10.56
CA LYS A 222 13.53 2.67 9.68
C LYS A 222 13.39 3.98 8.94
N VAL A 223 13.54 5.09 9.65
CA VAL A 223 13.42 6.40 9.01
C VAL A 223 14.49 6.53 7.93
N THR A 224 15.72 6.17 8.27
CA THR A 224 16.83 6.25 7.33
C THR A 224 16.49 5.60 5.99
N ILE A 225 15.92 4.41 6.06
CA ILE A 225 15.52 3.68 4.85
C ILE A 225 14.46 4.45 4.07
N VAL A 226 13.41 4.86 4.76
CA VAL A 226 12.34 5.63 4.13
C VAL A 226 12.92 6.92 3.56
N GLY A 227 13.66 7.64 4.40
CA GLY A 227 14.27 8.88 3.99
C GLY A 227 15.12 8.72 2.75
N ARG A 228 15.90 7.65 2.72
CA ARG A 228 16.74 7.39 1.55
C ARG A 228 15.84 7.21 0.34
N ILE A 229 14.89 6.29 0.44
CA ILE A 229 13.94 6.05 -0.64
C ILE A 229 13.35 7.38 -1.08
N SER A 230 12.90 8.17 -0.11
CA SER A 230 12.29 9.46 -0.39
C SER A 230 13.18 10.36 -1.22
N GLY A 231 14.50 10.20 -1.09
CA GLY A 231 15.41 11.01 -1.87
C GLY A 231 16.42 11.82 -1.07
N VAL A 232 16.55 11.54 0.22
CA VAL A 232 17.50 12.27 1.05
C VAL A 232 18.75 11.43 1.26
N GLU A 233 19.93 12.06 1.15
CA GLU A 233 21.20 11.34 1.32
C GLU A 233 21.63 11.22 2.79
N VAL A 234 21.03 10.27 3.49
CA VAL A 234 21.33 10.04 4.90
C VAL A 234 22.52 9.11 5.00
N GLU A 235 23.59 9.59 5.62
CA GLU A 235 24.80 8.80 5.76
C GLU A 235 24.65 7.55 6.64
N SER A 236 24.01 7.71 7.80
CA SER A 236 23.81 6.58 8.70
C SER A 236 22.59 6.76 9.60
N PRO A 237 22.26 5.73 10.39
CA PRO A 237 21.10 5.80 11.29
C PRO A 237 21.39 6.73 12.45
N THR A 238 22.62 7.26 12.48
CA THR A 238 23.01 8.17 13.55
C THR A 238 23.39 9.53 13.00
N SER A 239 23.20 9.73 11.71
CA SER A 239 23.56 11.00 11.08
C SER A 239 22.58 12.13 11.32
N PHE A 240 21.67 11.96 12.27
CA PHE A 240 20.66 12.99 12.57
C PHE A 240 20.22 12.85 14.00
N PRO A 241 19.41 13.79 14.50
CA PRO A 241 18.92 13.75 15.88
C PRO A 241 17.97 12.59 16.18
N VAL A 242 18.33 11.79 17.17
CA VAL A 242 17.53 10.67 17.59
C VAL A 242 17.50 10.73 19.11
N GLN A 243 16.36 11.13 19.64
CA GLN A 243 16.20 11.26 21.07
C GLN A 243 15.99 9.96 21.81
N SER A 244 17.06 9.48 22.44
CA SER A 244 17.04 8.24 23.22
C SER A 244 16.23 8.39 24.50
N LEU A 245 15.62 7.31 24.94
CA LEU A 245 14.85 7.34 26.17
C LEU A 245 15.56 6.59 27.28
N ILE A 246 16.87 6.40 27.13
CA ILE A 246 17.69 5.69 28.12
C ILE A 246 18.53 6.67 28.94
N PRO A 247 18.14 6.89 30.21
CA PRO A 247 18.85 7.82 31.10
C PRO A 247 20.36 7.83 30.88
N LYS A 248 20.87 9.01 30.53
CA LYS A 248 22.29 9.23 30.26
C LYS A 248 23.19 8.32 31.11
N PRO A 249 22.90 8.19 32.41
CA PRO A 249 23.71 7.35 33.30
C PRO A 249 23.52 5.87 33.08
N LEU A 250 22.28 5.44 33.25
CA LEU A 250 21.87 4.05 33.15
C LEU A 250 22.17 3.24 31.89
N GLU A 251 22.95 3.75 30.95
CA GLU A 251 23.19 2.93 29.78
C GLU A 251 24.39 2.00 29.95
N SER A 252 24.20 0.99 30.80
CA SER A 252 25.20 -0.04 31.13
C SER A 252 24.91 -0.57 32.53
N VAL A 253 23.87 -0.03 33.14
CA VAL A 253 23.45 -0.38 34.49
C VAL A 253 23.33 -1.88 34.78
N LYS A 254 24.47 -2.53 34.95
CA LYS A 254 24.54 -3.95 35.27
C LYS A 254 23.73 -4.79 34.28
N SER A 255 22.71 -5.49 34.80
CA SER A 255 21.84 -6.34 33.99
C SER A 255 20.67 -5.54 33.49
N ALA A 256 19.74 -6.20 32.81
CA ALA A 256 18.56 -5.53 32.29
C ALA A 256 17.58 -5.38 33.46
N ASP A 257 17.52 -6.41 34.29
CA ASP A 257 16.65 -6.40 35.46
C ASP A 257 17.23 -5.37 36.42
N GLU A 258 18.49 -5.03 36.21
CA GLU A 258 19.18 -4.06 37.05
C GLU A 258 19.01 -2.66 36.49
N PHE A 259 18.29 -2.57 35.38
CA PHE A 259 18.03 -1.30 34.71
C PHE A 259 16.63 -0.80 35.02
N LEU A 260 15.71 -1.74 35.18
CA LEU A 260 14.31 -1.43 35.46
C LEU A 260 14.17 -0.72 36.80
N GLU A 261 14.62 -1.37 37.87
CA GLU A 261 14.52 -0.78 39.20
C GLU A 261 15.43 0.42 39.36
N LYS A 262 16.26 0.67 38.36
CA LYS A 262 17.17 1.81 38.39
C LYS A 262 16.61 2.98 37.60
N LEU A 263 15.99 2.67 36.47
CA LEU A 263 15.37 3.67 35.60
C LEU A 263 14.41 4.57 36.35
N SER A 264 13.74 4.00 37.34
CA SER A 264 12.76 4.72 38.15
C SER A 264 13.22 6.06 38.71
N ASP A 265 14.53 6.29 38.72
CA ASP A 265 15.06 7.53 39.27
C ASP A 265 15.14 8.68 38.28
N TYR A 266 14.54 8.53 37.10
CA TYR A 266 14.62 9.60 36.12
C TYR A 266 13.31 9.98 35.45
N ASP A 267 12.20 9.70 36.13
CA ASP A 267 10.90 10.01 35.55
C ASP A 267 10.53 11.47 35.75
N LYS A 268 11.15 12.10 36.74
CA LYS A 268 10.87 13.48 37.07
C LYS A 268 10.89 14.40 35.83
N ASP A 269 11.58 13.99 34.77
CA ASP A 269 11.66 14.79 33.56
C ASP A 269 10.50 14.59 32.58
N LEU A 270 10.37 13.39 32.04
CA LEU A 270 9.29 13.09 31.12
C LEU A 270 7.91 13.39 31.70
N THR A 271 7.76 13.22 33.00
CA THR A 271 6.49 13.52 33.64
C THR A 271 6.27 15.03 33.57
N GLN A 272 7.24 15.78 34.08
CA GLN A 272 7.21 17.24 34.05
C GLN A 272 6.92 17.64 32.62
N LEU A 273 7.55 16.94 31.68
CA LEU A 273 7.34 17.20 30.26
C LEU A 273 5.93 16.75 29.87
N LYS A 274 5.38 15.76 30.56
CA LYS A 274 4.04 15.28 30.25
C LYS A 274 3.00 16.24 30.75
N LYS A 275 3.21 16.71 31.98
CA LYS A 275 2.29 17.66 32.59
C LYS A 275 2.29 18.94 31.77
N GLU A 276 3.48 19.48 31.50
CA GLU A 276 3.60 20.71 30.72
C GLU A 276 2.85 20.55 29.41
N ALA A 277 2.94 19.35 28.84
CA ALA A 277 2.26 19.07 27.59
C ALA A 277 0.79 19.34 27.78
N ALA A 278 0.27 18.94 28.94
CA ALA A 278 -1.16 19.12 29.26
C ALA A 278 -1.61 20.57 29.15
N THR A 279 -0.80 21.50 29.66
CA THR A 279 -1.14 22.90 29.60
C THR A 279 -1.44 23.34 28.15
N GLU A 280 -0.62 22.86 27.21
CA GLU A 280 -0.81 23.18 25.80
C GLU A 280 -1.93 22.37 25.12
N ASN A 281 -2.50 21.40 25.85
CA ASN A 281 -3.55 20.48 25.34
C ASN A 281 -2.95 19.47 24.39
N LYS A 282 -1.83 18.88 24.80
CA LYS A 282 -1.12 17.93 23.96
C LYS A 282 -0.79 16.59 24.62
N VAL A 283 -0.63 15.57 23.77
CA VAL A 283 -0.31 14.21 24.17
C VAL A 283 1.14 13.95 23.72
N LEU A 284 1.80 12.93 24.28
CA LEU A 284 3.17 12.64 23.87
C LEU A 284 3.30 11.39 23.01
N ARG A 285 3.99 11.51 21.87
CA ARG A 285 4.19 10.37 20.94
C ARG A 285 5.63 10.30 20.43
N PHE A 286 6.16 9.09 20.23
CA PHE A 286 7.52 8.96 19.73
C PHE A 286 7.42 8.77 18.23
N ILE A 287 7.88 9.76 17.46
CA ILE A 287 7.77 9.66 16.02
C ILE A 287 9.05 9.75 15.21
N GLY A 288 8.91 9.41 13.93
CA GLY A 288 10.01 9.48 13.00
C GLY A 288 9.63 10.69 12.16
N LYS A 289 10.58 11.30 11.46
CA LYS A 289 10.26 12.46 10.65
C LYS A 289 11.35 12.72 9.61
N VAL A 290 10.95 12.88 8.37
CA VAL A 290 11.88 13.15 7.27
C VAL A 290 11.31 14.29 6.47
N ASP A 291 12.05 15.39 6.41
CA ASP A 291 11.58 16.55 5.65
C ASP A 291 12.48 16.75 4.44
N VAL A 292 12.20 16.01 3.37
CA VAL A 292 12.98 16.07 2.13
C VAL A 292 13.54 17.45 1.84
N ALA A 293 12.66 18.44 1.70
CA ALA A 293 13.08 19.81 1.42
C ALA A 293 14.39 20.16 2.12
N THR A 294 14.33 20.37 3.44
CA THR A 294 15.50 20.73 4.22
C THR A 294 16.44 19.57 4.56
N LYS A 295 16.25 18.43 3.91
CA LYS A 295 17.07 17.24 4.16
C LYS A 295 17.22 17.00 5.65
N SER A 296 16.19 17.31 6.43
CA SER A 296 16.25 17.14 7.88
C SER A 296 15.49 15.96 8.46
N VAL A 297 16.24 14.96 8.91
CA VAL A 297 15.66 13.78 9.51
C VAL A 297 15.77 13.92 11.01
N SER A 298 14.95 13.19 11.75
CA SER A 298 14.96 13.28 13.21
C SER A 298 13.94 12.33 13.82
N VAL A 299 14.27 11.73 14.96
CA VAL A 299 13.34 10.85 15.65
C VAL A 299 13.33 11.27 17.11
N GLY A 300 12.14 11.34 17.69
CA GLY A 300 12.05 11.73 19.08
C GLY A 300 10.61 11.95 19.53
N ILE A 301 10.46 12.63 20.66
CA ILE A 301 9.14 12.89 21.21
C ILE A 301 8.51 14.12 20.60
N GLU A 302 7.34 13.94 20.00
CA GLU A 302 6.58 15.04 19.41
C GLU A 302 5.20 15.03 20.04
N LYS A 303 4.70 16.21 20.40
CA LYS A 303 3.38 16.30 21.03
C LYS A 303 2.29 16.65 20.04
N TYR A 304 1.29 15.78 19.93
CA TYR A 304 0.19 15.97 19.02
C TYR A 304 -1.09 16.37 19.72
N ASP A 305 -2.01 16.94 18.95
CA ASP A 305 -3.30 17.41 19.47
C ASP A 305 -4.25 16.22 19.53
N TYR A 306 -5.23 16.30 20.43
CA TYR A 306 -6.21 15.23 20.60
C TYR A 306 -6.94 14.86 19.31
N SER A 307 -7.43 15.87 18.60
CA SER A 307 -8.14 15.64 17.35
C SER A 307 -7.30 14.80 16.40
N HIS A 308 -5.98 15.04 16.42
CA HIS A 308 -5.04 14.34 15.56
C HIS A 308 -5.23 12.82 15.66
N PRO A 309 -5.22 12.13 14.51
CA PRO A 309 -5.39 10.68 14.47
C PRO A 309 -4.37 9.94 15.35
N PHE A 310 -3.09 10.33 15.25
CA PHE A 310 -2.03 9.69 16.05
C PHE A 310 -2.48 9.55 17.49
N ALA A 311 -3.02 10.63 18.04
CA ALA A 311 -3.50 10.63 19.42
C ALA A 311 -4.69 9.70 19.59
N SER A 312 -4.82 8.75 18.68
CA SER A 312 -5.91 7.79 18.70
C SER A 312 -5.48 6.47 18.07
N LEU A 313 -4.36 5.93 18.52
CA LEU A 313 -3.89 4.65 18.00
C LEU A 313 -4.12 3.55 19.00
N LYS A 314 -4.61 2.41 18.53
CA LYS A 314 -4.87 1.29 19.42
C LYS A 314 -3.73 0.27 19.36
N GLY A 315 -3.61 -0.51 20.43
CA GLY A 315 -2.57 -1.52 20.49
C GLY A 315 -1.18 -0.97 20.22
N SER A 316 -0.45 -1.67 19.35
CA SER A 316 0.90 -1.26 18.96
C SER A 316 0.93 -1.06 17.45
N ASP A 317 0.08 -0.17 16.95
CA ASP A 317 0.02 0.09 15.51
C ASP A 317 0.97 1.15 15.04
N ASN A 318 1.54 0.94 13.86
CA ASN A 318 2.46 1.90 13.26
C ASN A 318 1.66 2.75 12.30
N VAL A 319 1.78 4.06 12.41
CA VAL A 319 1.08 4.94 11.50
C VAL A 319 2.11 5.86 10.85
N ILE A 320 2.00 6.03 9.54
CA ILE A 320 2.93 6.88 8.83
C ILE A 320 2.22 7.75 7.84
N SER A 321 2.63 9.01 7.80
CA SER A 321 2.05 9.98 6.90
C SER A 321 3.02 10.25 5.76
N ILE A 322 2.49 10.56 4.59
CA ILE A 322 3.30 10.83 3.44
C ILE A 322 2.70 11.98 2.66
N LYS A 323 3.21 13.18 2.93
CA LYS A 323 2.74 14.38 2.26
C LYS A 323 3.66 14.59 1.06
N THR A 324 3.13 14.50 -0.14
CA THR A 324 3.98 14.70 -1.31
C THR A 324 3.57 15.90 -2.15
N LYS A 325 4.02 15.89 -3.39
CA LYS A 325 3.74 16.96 -4.33
C LYS A 325 2.25 16.82 -4.71
N ARG A 326 1.91 15.67 -5.28
CA ARG A 326 0.56 15.37 -5.71
C ARG A 326 -0.39 15.15 -4.53
N TYR A 327 0.12 14.54 -3.47
CA TYR A 327 -0.71 14.27 -2.29
C TYR A 327 -0.59 15.39 -1.26
N THR A 328 -0.87 16.62 -1.68
CA THR A 328 -0.80 17.75 -0.77
C THR A 328 -1.44 17.28 0.54
N ASN A 329 -2.61 16.66 0.43
CA ASN A 329 -3.30 16.12 1.59
C ASN A 329 -2.58 14.80 1.84
N PRO A 330 -1.72 14.74 2.85
CA PRO A 330 -0.95 13.53 3.18
C PRO A 330 -1.73 12.23 3.17
N VAL A 331 -1.06 11.18 2.72
CA VAL A 331 -1.63 9.84 2.69
C VAL A 331 -1.26 9.22 4.03
N VAL A 332 -2.27 8.78 4.76
CA VAL A 332 -1.98 8.19 6.05
C VAL A 332 -2.29 6.71 6.09
N ILE A 333 -1.24 5.92 6.24
CA ILE A 333 -1.34 4.48 6.30
C ILE A 333 -1.01 4.04 7.70
N GLN A 334 -1.93 3.33 8.34
CA GLN A 334 -1.71 2.84 9.70
C GLN A 334 -2.23 1.42 9.86
N GLY A 335 -1.50 0.61 10.63
CA GLY A 335 -1.88 -0.76 10.87
C GLY A 335 -0.85 -1.46 11.73
N ALA A 336 -0.96 -2.78 11.85
CA ALA A 336 -0.02 -3.56 12.65
C ALA A 336 1.42 -3.45 12.16
N GLY A 337 2.26 -2.78 12.94
CA GLY A 337 3.64 -2.59 12.58
C GLY A 337 4.56 -3.68 13.09
N ALA A 338 3.99 -4.61 13.84
CA ALA A 338 4.73 -5.74 14.40
C ALA A 338 3.81 -6.95 14.27
N GLY A 339 4.28 -8.11 14.73
CA GLY A 339 3.44 -9.29 14.65
C GLY A 339 4.02 -10.43 13.81
N ALA A 340 3.95 -11.64 14.36
CA ALA A 340 4.47 -12.82 13.67
C ALA A 340 3.88 -13.00 12.26
N ALA A 341 2.58 -13.26 12.21
CA ALA A 341 1.88 -13.47 10.94
C ALA A 341 1.99 -12.20 10.11
N VAL A 342 1.42 -11.12 10.65
CA VAL A 342 1.44 -9.83 9.99
C VAL A 342 2.77 -9.55 9.29
N THR A 343 3.87 -9.74 10.01
CA THR A 343 5.19 -9.47 9.45
C THR A 343 5.67 -10.45 8.40
N ALA A 344 5.52 -11.74 8.67
CA ALA A 344 5.93 -12.78 7.73
C ALA A 344 5.20 -12.55 6.43
N ALA A 345 3.90 -12.28 6.52
CA ALA A 345 3.05 -12.04 5.36
C ALA A 345 3.63 -10.95 4.47
N GLY A 346 4.23 -9.95 5.09
CA GLY A 346 4.82 -8.88 4.32
C GLY A 346 6.01 -9.45 3.58
N VAL A 347 6.65 -10.42 4.21
CA VAL A 347 7.81 -11.07 3.62
C VAL A 347 7.37 -12.02 2.51
N LEU A 348 6.40 -12.88 2.82
CA LEU A 348 5.87 -13.84 1.85
C LEU A 348 5.33 -13.08 0.65
N GLY A 349 4.63 -11.99 0.94
CA GLY A 349 4.10 -11.16 -0.13
C GLY A 349 5.25 -10.66 -0.97
N ASP A 350 6.35 -10.34 -0.30
CA ASP A 350 7.52 -9.84 -1.00
C ASP A 350 8.06 -10.90 -1.95
N VAL A 351 8.32 -12.08 -1.40
CA VAL A 351 8.85 -13.18 -2.21
C VAL A 351 8.03 -13.31 -3.48
N ILE A 352 6.71 -13.21 -3.35
CA ILE A 352 5.81 -13.31 -4.48
C ILE A 352 6.10 -12.21 -5.50
N LYS A 353 6.20 -10.97 -5.03
CA LYS A 353 6.47 -9.84 -5.92
C LYS A 353 7.77 -10.08 -6.70
N ILE A 354 8.57 -11.03 -6.23
CA ILE A 354 9.85 -11.36 -6.86
C ILE A 354 9.63 -12.43 -7.92
N ALA A 355 9.11 -13.58 -7.49
CA ALA A 355 8.83 -14.71 -8.39
C ALA A 355 8.23 -14.26 -9.71
N GLN A 356 7.25 -13.36 -9.64
CA GLN A 356 6.59 -12.84 -10.82
C GLN A 356 7.56 -12.09 -11.73
N ARG A 357 8.68 -11.65 -11.17
CA ARG A 357 9.66 -10.91 -11.96
C ARG A 357 10.75 -11.80 -12.55
N LEU A 358 11.05 -12.90 -11.87
CA LEU A 358 12.10 -13.81 -12.32
C LEU A 358 11.62 -14.72 -13.45
N SER B 1 17.45 -10.09 -19.31
CA SER B 1 16.21 -9.57 -18.66
C SER B 1 15.17 -9.18 -19.71
N THR B 2 14.00 -8.73 -19.24
CA THR B 2 12.93 -8.30 -20.12
C THR B 2 12.58 -6.83 -19.94
N LYS B 3 13.35 -5.96 -20.59
CA LYS B 3 13.15 -4.52 -20.52
C LYS B 3 12.50 -4.03 -21.79
N VAL B 4 11.98 -4.96 -22.58
CA VAL B 4 11.31 -4.60 -23.83
C VAL B 4 9.84 -4.97 -23.73
N VAL B 5 8.98 -3.94 -23.70
CA VAL B 5 7.55 -4.14 -23.59
C VAL B 5 6.80 -3.02 -24.31
N ASN B 6 5.89 -3.39 -25.21
CA ASN B 6 5.11 -2.41 -25.97
C ASN B 6 3.78 -2.09 -25.28
N VAL B 7 3.39 -0.82 -25.33
CA VAL B 7 2.15 -0.38 -24.70
C VAL B 7 1.19 0.36 -25.62
N ALA B 8 -0.10 0.08 -25.45
CA ALA B 8 -1.14 0.72 -26.25
C ALA B 8 -1.96 1.60 -25.32
N VAL B 9 -2.09 2.88 -25.66
CA VAL B 9 -2.85 3.82 -24.86
C VAL B 9 -4.12 4.35 -25.53
N ILE B 10 -5.27 4.02 -24.95
CA ILE B 10 -6.55 4.47 -25.48
C ILE B 10 -7.15 5.52 -24.53
N GLY B 11 -7.46 6.69 -25.06
CA GLY B 11 -8.04 7.75 -24.25
C GLY B 11 -6.98 8.70 -23.73
N ALA B 12 -7.28 9.99 -23.79
CA ALA B 12 -6.34 10.99 -23.32
C ALA B 12 -7.08 12.26 -22.89
N GLY B 13 -8.18 12.07 -22.17
CA GLY B 13 -8.96 13.20 -21.71
C GLY B 13 -8.26 13.98 -20.62
N VAL B 14 -8.21 13.40 -19.43
CA VAL B 14 -7.56 14.03 -18.29
C VAL B 14 -6.54 13.07 -17.67
N VAL B 15 -7.03 12.07 -16.95
CA VAL B 15 -6.12 11.11 -16.33
C VAL B 15 -5.35 10.43 -17.45
N GLY B 16 -5.87 10.55 -18.67
CA GLY B 16 -5.21 9.97 -19.81
C GLY B 16 -4.11 10.92 -20.25
N SER B 17 -4.39 12.21 -20.11
CA SER B 17 -3.45 13.25 -20.48
C SER B 17 -2.26 13.24 -19.52
N ALA B 18 -2.54 13.06 -18.24
CA ALA B 18 -1.48 13.03 -17.24
C ALA B 18 -0.72 11.72 -17.37
N PHE B 19 -1.44 10.64 -17.66
CA PHE B 19 -0.81 9.34 -17.79
C PHE B 19 0.30 9.35 -18.83
N LEU B 20 0.06 10.03 -19.94
CA LEU B 20 1.06 10.09 -21.00
C LEU B 20 2.21 11.00 -20.57
N ASP B 21 1.88 12.21 -20.14
CA ASP B 21 2.88 13.17 -19.69
C ASP B 21 3.87 12.47 -18.75
N GLN B 22 3.35 11.58 -17.90
CA GLN B 22 4.18 10.85 -16.95
C GLN B 22 4.89 9.64 -17.54
N LEU B 23 4.17 8.85 -18.32
CA LEU B 23 4.73 7.66 -18.96
C LEU B 23 6.07 7.90 -19.65
N LEU B 24 6.23 9.07 -20.25
CA LEU B 24 7.47 9.40 -20.95
C LEU B 24 8.52 10.00 -20.02
N ALA B 25 8.18 11.11 -19.36
CA ALA B 25 9.11 11.76 -18.45
C ALA B 25 9.50 10.80 -17.33
N MET B 26 8.95 9.58 -17.37
CA MET B 26 9.20 8.56 -16.37
C MET B 26 10.51 7.81 -16.59
N LYS B 27 11.61 8.36 -16.08
CA LYS B 27 12.91 7.71 -16.19
C LYS B 27 12.86 6.41 -15.40
N SER B 28 13.13 5.30 -16.06
CA SER B 28 13.10 3.99 -15.40
C SER B 28 14.12 3.03 -15.99
N THR B 29 14.31 1.90 -15.31
CA THR B 29 15.25 0.88 -15.75
C THR B 29 14.68 0.16 -16.96
N ILE B 30 13.39 -0.19 -16.89
CA ILE B 30 12.72 -0.89 -17.97
C ILE B 30 12.45 0.09 -19.11
N THR B 31 12.04 -0.44 -20.26
CA THR B 31 11.73 0.40 -21.42
C THR B 31 10.29 0.22 -21.89
N TYR B 32 9.55 1.31 -21.90
CA TYR B 32 8.14 1.29 -22.32
C TYR B 32 7.96 1.97 -23.66
N ASN B 33 7.53 1.20 -24.65
CA ASN B 33 7.31 1.72 -26.00
C ASN B 33 5.84 1.93 -26.29
N LEU B 34 5.45 3.19 -26.49
CA LEU B 34 4.06 3.53 -26.80
C LEU B 34 3.87 3.26 -28.30
N VAL B 35 3.39 2.07 -28.61
CA VAL B 35 3.18 1.67 -30.00
C VAL B 35 1.94 2.28 -30.66
N LEU B 36 1.06 2.86 -29.85
CA LEU B 36 -0.16 3.46 -30.40
C LEU B 36 -0.92 4.32 -29.41
N LEU B 37 -1.34 5.49 -29.89
CA LEU B 37 -2.12 6.42 -29.08
C LEU B 37 -3.40 6.69 -29.87
N ALA B 38 -4.50 6.09 -29.45
CA ALA B 38 -5.77 6.25 -30.14
C ALA B 38 -6.86 6.97 -29.35
N GLU B 39 -7.02 8.26 -29.63
CA GLU B 39 -8.06 9.05 -28.98
C GLU B 39 -9.18 9.24 -30.00
N ALA B 40 -10.42 9.27 -29.53
CA ALA B 40 -11.57 9.45 -30.41
C ALA B 40 -11.30 8.80 -31.78
N GLU B 41 -11.19 9.64 -32.80
CA GLU B 41 -10.92 9.17 -34.16
C GLU B 41 -9.45 9.36 -34.50
N ARG B 42 -8.94 10.57 -34.29
CA ARG B 42 -7.53 10.85 -34.56
C ARG B 42 -6.66 9.96 -33.68
N SER B 43 -5.91 9.05 -34.28
CA SER B 43 -5.03 8.17 -33.52
C SER B 43 -3.57 8.33 -33.95
N LEU B 44 -2.70 7.54 -33.32
CA LEU B 44 -1.27 7.57 -33.62
C LEU B 44 -0.70 6.17 -33.49
N ILE B 45 -1.19 5.28 -34.36
CA ILE B 45 -0.75 3.89 -34.37
C ILE B 45 0.67 3.80 -34.92
N SER B 46 1.30 2.65 -34.72
CA SER B 46 2.66 2.43 -35.21
C SER B 46 2.76 1.06 -35.85
N LYS B 47 2.43 0.99 -37.14
CA LYS B 47 2.48 -0.27 -37.88
C LYS B 47 3.77 -1.06 -37.64
N ASP B 48 4.94 -0.46 -37.82
CA ASP B 48 6.18 -1.19 -37.62
C ASP B 48 6.56 -1.40 -36.15
N PHE B 49 5.57 -1.28 -35.27
CA PHE B 49 5.76 -1.43 -33.83
C PHE B 49 6.90 -0.60 -33.26
N SER B 50 7.55 0.19 -34.11
CA SER B 50 8.64 1.05 -33.63
C SER B 50 7.94 2.13 -32.82
N PRO B 51 8.61 2.67 -31.80
CA PRO B 51 8.01 3.72 -30.96
C PRO B 51 7.38 4.88 -31.75
N LEU B 52 6.88 5.87 -31.00
CA LEU B 52 6.25 7.05 -31.59
C LEU B 52 7.15 8.25 -31.45
N ASN B 53 8.16 8.33 -32.30
CA ASN B 53 9.10 9.44 -32.29
C ASN B 53 8.33 10.76 -32.31
N VAL B 54 8.13 11.35 -31.13
CA VAL B 54 7.40 12.60 -31.00
C VAL B 54 8.02 13.48 -29.92
N GLY B 55 7.99 12.99 -28.69
CA GLY B 55 8.54 13.73 -27.58
C GLY B 55 7.44 14.32 -26.70
N SER B 56 7.54 15.62 -26.44
CA SER B 56 6.54 16.29 -25.63
C SER B 56 5.41 16.78 -26.54
N ASP B 57 4.57 17.65 -25.99
CA ASP B 57 3.43 18.23 -26.70
C ASP B 57 2.78 17.25 -27.68
N TRP B 58 2.83 15.97 -27.34
CA TRP B 58 2.23 14.94 -28.18
C TRP B 58 0.75 15.28 -28.46
N LYS B 59 0.16 16.11 -27.62
CA LYS B 59 -1.24 16.51 -27.78
C LYS B 59 -1.56 17.06 -29.16
N ALA B 60 -0.59 17.74 -29.77
CA ALA B 60 -0.78 18.32 -31.11
C ALA B 60 -0.48 17.27 -32.17
N ALA B 61 0.23 16.24 -31.77
CA ALA B 61 0.59 15.15 -32.66
C ALA B 61 -0.59 14.19 -32.85
N LEU B 62 -1.41 14.06 -31.81
CA LEU B 62 -2.58 13.19 -31.85
C LEU B 62 -3.76 13.91 -32.49
N ALA B 63 -3.95 15.18 -32.12
CA ALA B 63 -5.04 15.99 -32.67
C ALA B 63 -4.82 16.13 -34.16
N ALA B 64 -3.67 16.71 -34.51
CA ALA B 64 -3.31 16.88 -35.91
C ALA B 64 -2.81 15.53 -36.43
N SER B 65 -3.75 14.71 -36.90
CA SER B 65 -3.40 13.39 -37.43
C SER B 65 -4.34 12.99 -38.55
N THR B 66 -4.07 11.83 -39.14
CA THR B 66 -4.85 11.30 -40.25
C THR B 66 -5.29 9.84 -40.07
N THR B 67 -4.45 9.05 -39.41
CA THR B 67 -4.75 7.64 -39.18
C THR B 67 -5.98 7.51 -38.28
N LYS B 68 -7.06 6.95 -38.83
CA LYS B 68 -8.32 6.76 -38.11
C LYS B 68 -8.23 5.62 -37.09
N THR B 69 -8.73 5.86 -35.89
CA THR B 69 -8.71 4.87 -34.84
C THR B 69 -9.23 3.52 -35.34
N LEU B 70 -8.36 2.52 -35.36
CA LEU B 70 -8.73 1.18 -35.81
C LEU B 70 -9.67 0.54 -34.78
N PRO B 71 -10.78 -0.05 -35.26
CA PRO B 71 -11.78 -0.71 -34.43
C PRO B 71 -11.18 -1.56 -33.30
N LEU B 72 -12.02 -1.86 -32.31
CA LEU B 72 -11.60 -2.67 -31.17
C LEU B 72 -11.65 -4.16 -31.50
N ASP B 73 -12.45 -4.51 -32.51
CA ASP B 73 -12.57 -5.90 -32.96
C ASP B 73 -11.44 -6.16 -33.95
N ASP B 74 -10.83 -5.08 -34.43
CA ASP B 74 -9.73 -5.17 -35.39
C ASP B 74 -8.39 -4.78 -34.80
N LEU B 75 -8.39 -4.28 -33.57
CA LEU B 75 -7.15 -3.88 -32.91
C LEU B 75 -6.51 -5.08 -32.21
N ILE B 76 -7.35 -5.86 -31.54
CA ILE B 76 -6.90 -7.07 -30.84
C ILE B 76 -6.44 -8.06 -31.90
N ALA B 77 -6.96 -7.87 -33.12
CA ALA B 77 -6.64 -8.70 -34.27
C ALA B 77 -5.49 -8.08 -35.06
N HIS B 78 -4.78 -7.15 -34.41
CA HIS B 78 -3.64 -6.47 -35.00
C HIS B 78 -2.47 -6.55 -34.03
N LEU B 79 -2.67 -5.97 -32.86
CA LEU B 79 -1.63 -5.94 -31.84
C LEU B 79 -0.93 -7.28 -31.64
N LYS B 80 -1.67 -8.38 -31.74
CA LYS B 80 -1.10 -9.70 -31.56
C LYS B 80 0.20 -9.82 -32.35
N THR B 81 0.22 -9.22 -33.53
CA THR B 81 1.39 -9.26 -34.40
C THR B 81 2.60 -8.66 -33.70
N SER B 82 2.42 -8.18 -32.48
CA SER B 82 3.49 -7.56 -31.71
C SER B 82 4.63 -8.52 -31.43
N PRO B 83 5.88 -8.03 -31.57
CA PRO B 83 7.09 -8.81 -31.32
C PRO B 83 7.24 -9.11 -29.84
N LYS B 84 7.05 -8.09 -29.02
CA LYS B 84 7.15 -8.22 -27.56
C LYS B 84 5.74 -8.27 -26.98
N PRO B 85 5.59 -8.75 -25.73
CA PRO B 85 4.25 -8.81 -25.14
C PRO B 85 3.55 -7.47 -25.29
N VAL B 86 2.23 -7.45 -25.12
CA VAL B 86 1.49 -6.22 -25.25
C VAL B 86 0.78 -5.80 -23.98
N ILE B 87 0.52 -4.51 -23.87
CA ILE B 87 -0.17 -3.94 -22.72
C ILE B 87 -1.26 -3.01 -23.24
N LEU B 88 -2.31 -2.82 -22.45
CA LEU B 88 -3.40 -1.95 -22.83
C LEU B 88 -3.69 -0.95 -21.73
N VAL B 89 -3.53 0.34 -22.05
CA VAL B 89 -3.80 1.40 -21.08
C VAL B 89 -5.06 2.16 -21.48
N ASP B 90 -6.19 1.69 -20.97
CA ASP B 90 -7.48 2.31 -21.26
C ASP B 90 -7.81 3.43 -20.28
N ASN B 91 -7.41 4.65 -20.64
CA ASN B 91 -7.67 5.81 -19.79
C ASN B 91 -9.05 6.37 -20.07
N THR B 92 -10.04 5.49 -20.12
CA THR B 92 -11.41 5.90 -20.38
C THR B 92 -12.34 5.06 -19.54
N SER B 93 -13.65 5.21 -19.80
CA SER B 93 -14.66 4.47 -19.06
C SER B 93 -15.96 4.29 -19.82
N SER B 94 -15.92 3.47 -20.87
CA SER B 94 -17.11 3.20 -21.65
C SER B 94 -17.46 1.71 -21.59
N ALA B 95 -18.70 1.41 -21.21
CA ALA B 95 -19.14 0.03 -21.11
C ALA B 95 -19.09 -0.66 -22.48
N TYR B 96 -18.34 -0.05 -23.39
CA TYR B 96 -18.16 -0.59 -24.73
C TYR B 96 -16.75 -1.15 -24.73
N ILE B 97 -15.79 -0.23 -24.79
CA ILE B 97 -14.37 -0.58 -24.78
C ILE B 97 -14.14 -1.63 -23.69
N ALA B 98 -14.65 -1.35 -22.50
CA ALA B 98 -14.50 -2.29 -21.38
C ALA B 98 -14.90 -3.66 -21.89
N GLY B 99 -16.15 -3.77 -22.36
CA GLY B 99 -16.63 -5.03 -22.87
C GLY B 99 -15.86 -5.47 -24.10
N PHE B 100 -14.56 -5.67 -23.91
CA PHE B 100 -13.63 -6.08 -24.96
C PHE B 100 -12.35 -6.58 -24.30
N TYR B 101 -12.21 -6.30 -23.01
CA TYR B 101 -11.03 -6.71 -22.27
C TYR B 101 -10.73 -8.20 -22.40
N THR B 102 -11.63 -9.06 -21.92
CA THR B 102 -11.40 -10.50 -22.02
C THR B 102 -10.96 -10.84 -23.44
N LYS B 103 -11.51 -10.10 -24.40
CA LYS B 103 -11.18 -10.32 -25.81
C LYS B 103 -9.74 -9.91 -26.08
N PHE B 104 -9.08 -9.39 -25.06
CA PHE B 104 -7.68 -8.97 -25.15
C PHE B 104 -6.82 -9.99 -24.39
N VAL B 105 -7.28 -10.34 -23.20
CA VAL B 105 -6.60 -11.30 -22.34
C VAL B 105 -6.54 -12.67 -22.99
N GLU B 106 -7.70 -13.21 -23.33
CA GLU B 106 -7.78 -14.52 -23.96
C GLU B 106 -6.83 -14.62 -25.15
N ASN B 107 -6.38 -13.48 -25.65
CA ASN B 107 -5.47 -13.47 -26.80
C ASN B 107 -4.02 -13.13 -26.44
N GLY B 108 -3.77 -12.83 -25.17
CA GLY B 108 -2.42 -12.51 -24.74
C GLY B 108 -2.11 -11.04 -24.55
N ILE B 109 -3.14 -10.22 -24.48
CA ILE B 109 -2.93 -8.78 -24.29
C ILE B 109 -3.05 -8.45 -22.81
N SER B 110 -2.14 -7.62 -22.30
CA SER B 110 -2.17 -7.21 -20.90
C SER B 110 -2.94 -5.89 -20.79
N ILE B 111 -3.59 -5.67 -19.66
CA ILE B 111 -4.36 -4.46 -19.48
C ILE B 111 -4.09 -3.71 -18.19
N ALA B 112 -3.85 -2.41 -18.34
CA ALA B 112 -3.60 -1.51 -17.22
C ALA B 112 -4.60 -0.37 -17.43
N THR B 113 -5.55 -0.21 -16.52
CA THR B 113 -6.55 0.84 -16.71
C THR B 113 -7.22 1.35 -15.44
N PRO B 114 -7.81 2.56 -15.49
CA PRO B 114 -8.52 3.21 -14.38
C PRO B 114 -10.03 2.95 -14.48
N ASN B 115 -10.42 2.31 -15.59
CA ASN B 115 -11.81 1.94 -15.90
C ASN B 115 -12.43 1.03 -14.85
N LYS B 116 -13.58 1.41 -14.30
CA LYS B 116 -14.21 0.59 -13.29
C LYS B 116 -15.27 -0.30 -13.90
N LYS B 117 -15.35 -0.26 -15.23
CA LYS B 117 -16.34 -1.03 -15.96
C LYS B 117 -16.18 -2.54 -15.95
N ALA B 118 -15.36 -3.06 -16.86
CA ALA B 118 -15.17 -4.51 -16.96
C ALA B 118 -15.11 -5.20 -15.60
N PHE B 119 -14.58 -4.50 -14.61
CA PHE B 119 -14.45 -5.07 -13.28
C PHE B 119 -15.70 -4.87 -12.47
N SER B 120 -16.81 -4.60 -13.14
CA SER B 120 -18.08 -4.38 -12.48
C SER B 120 -19.30 -4.85 -13.28
N SER B 121 -19.06 -5.61 -14.35
CA SER B 121 -20.16 -6.14 -15.16
C SER B 121 -20.85 -7.22 -14.33
N ASP B 122 -20.61 -8.47 -14.70
CA ASP B 122 -21.20 -9.59 -13.98
C ASP B 122 -20.12 -10.60 -13.60
N LEU B 123 -20.43 -11.47 -12.64
CA LEU B 123 -19.46 -12.46 -12.17
C LEU B 123 -18.98 -13.43 -13.23
N ALA B 124 -19.32 -13.17 -14.48
CA ALA B 124 -18.87 -14.04 -15.58
C ALA B 124 -17.68 -13.34 -16.25
N THR B 125 -17.97 -12.22 -16.90
CA THR B 125 -16.97 -11.42 -17.60
C THR B 125 -15.73 -11.24 -16.72
N TRP B 126 -15.96 -11.20 -15.41
CA TRP B 126 -14.89 -11.04 -14.43
C TRP B 126 -13.95 -12.23 -14.46
N LYS B 127 -14.49 -13.41 -14.15
CA LYS B 127 -13.72 -14.65 -14.13
C LYS B 127 -12.85 -14.80 -15.38
N ALA B 128 -13.41 -14.39 -16.51
CA ALA B 128 -12.74 -14.47 -17.81
C ALA B 128 -11.41 -13.74 -17.81
N LEU B 129 -11.35 -12.65 -17.04
CA LEU B 129 -10.15 -11.83 -16.95
C LEU B 129 -9.07 -12.39 -16.02
N PHE B 130 -9.48 -12.82 -14.83
CA PHE B 130 -8.54 -13.37 -13.88
C PHE B 130 -8.69 -14.89 -13.81
N SER B 131 -8.48 -15.54 -14.96
CA SER B 131 -8.60 -16.99 -15.06
C SER B 131 -7.23 -17.67 -15.10
N ASN B 132 -6.18 -16.89 -14.85
CA ASN B 132 -4.81 -17.41 -14.86
C ASN B 132 -4.56 -18.32 -16.06
N LYS B 133 -5.04 -17.90 -17.22
CA LYS B 133 -4.85 -18.69 -18.43
C LYS B 133 -3.41 -18.47 -18.88
N PRO B 134 -2.67 -19.55 -19.13
CA PRO B 134 -1.27 -19.52 -19.58
C PRO B 134 -0.85 -18.29 -20.38
N THR B 135 -1.19 -18.29 -21.67
CA THR B 135 -0.84 -17.18 -22.55
C THR B 135 -1.75 -15.97 -22.38
N ASN B 136 -2.68 -16.05 -21.43
CA ASN B 136 -3.60 -14.95 -21.20
C ASN B 136 -2.82 -13.66 -20.94
N GLY B 137 -3.54 -12.55 -20.78
CA GLY B 137 -2.90 -11.29 -20.53
C GLY B 137 -3.08 -10.86 -19.08
N PHE B 138 -2.35 -9.84 -18.66
CA PHE B 138 -2.46 -9.35 -17.29
C PHE B 138 -3.53 -8.28 -17.17
N VAL B 139 -4.29 -8.34 -16.08
CA VAL B 139 -5.36 -7.37 -15.84
C VAL B 139 -5.11 -6.60 -14.54
N TYR B 140 -4.70 -5.33 -14.66
CA TYR B 140 -4.46 -4.52 -13.47
C TYR B 140 -5.31 -3.24 -13.46
N HIS B 141 -5.85 -2.90 -12.30
CA HIS B 141 -6.72 -1.74 -12.17
C HIS B 141 -6.69 -1.09 -10.79
N GLU B 142 -5.51 -0.71 -10.32
CA GLU B 142 -5.42 -0.08 -9.00
C GLU B 142 -6.09 1.29 -8.96
N ALA B 143 -6.08 1.99 -10.09
CA ALA B 143 -6.67 3.32 -10.16
C ALA B 143 -8.19 3.23 -10.23
N THR B 144 -8.71 2.01 -10.06
CA THR B 144 -10.14 1.79 -10.11
C THR B 144 -10.76 1.91 -8.71
N VAL B 145 -9.92 1.86 -7.68
CA VAL B 145 -10.41 1.99 -6.31
C VAL B 145 -9.42 2.76 -5.44
N GLY B 146 -9.81 3.96 -5.04
CA GLY B 146 -8.95 4.79 -4.21
C GLY B 146 -7.83 5.41 -5.01
N ALA B 147 -7.95 5.35 -6.33
CA ALA B 147 -6.93 5.91 -7.21
C ALA B 147 -5.56 5.36 -6.89
N GLY B 148 -4.59 6.26 -6.80
CA GLY B 148 -3.21 5.88 -6.52
C GLY B 148 -3.01 5.00 -5.30
N LEU B 149 -3.87 5.15 -4.30
CA LEU B 149 -3.75 4.36 -3.08
C LEU B 149 -3.56 2.89 -3.40
N PRO B 150 -2.76 2.19 -2.60
CA PRO B 150 -2.53 0.76 -2.85
C PRO B 150 -3.65 -0.15 -2.34
N ILE B 151 -4.83 -0.12 -2.96
CA ILE B 151 -5.92 -0.99 -2.47
C ILE B 151 -5.83 -2.39 -3.08
N ILE B 152 -6.15 -2.48 -4.36
CA ILE B 152 -6.14 -3.78 -5.04
C ILE B 152 -4.92 -4.58 -4.62
N SER B 153 -3.75 -4.19 -5.12
CA SER B 153 -2.48 -4.87 -4.82
C SER B 153 -2.41 -5.40 -3.38
N PHE B 154 -2.42 -4.48 -2.43
CA PHE B 154 -2.35 -4.85 -1.02
C PHE B 154 -3.38 -5.91 -0.68
N LEU B 155 -4.44 -6.01 -1.48
CA LEU B 155 -5.45 -7.00 -1.21
C LEU B 155 -5.14 -8.32 -1.91
N ARG B 156 -4.74 -8.25 -3.18
CA ARG B 156 -4.38 -9.46 -3.94
C ARG B 156 -3.17 -10.09 -3.26
N GLU B 157 -2.47 -9.28 -2.47
CA GLU B 157 -1.27 -9.74 -1.78
C GLU B 157 -1.52 -10.49 -0.49
N ILE B 158 -1.79 -9.78 0.60
CA ILE B 158 -2.02 -10.43 1.89
C ILE B 158 -2.83 -11.71 1.75
N ILE B 159 -3.73 -11.72 0.77
CA ILE B 159 -4.58 -12.87 0.52
C ILE B 159 -3.76 -13.95 -0.18
N GLN B 160 -2.94 -13.54 -1.16
CA GLN B 160 -2.10 -14.47 -1.90
C GLN B 160 -1.07 -15.07 -0.97
N THR B 161 -0.97 -14.53 0.24
CA THR B 161 -0.02 -15.04 1.24
C THR B 161 -0.80 -15.94 2.19
N GLY B 162 -2.12 -15.74 2.23
CA GLY B 162 -2.96 -16.54 3.09
C GLY B 162 -3.86 -15.76 4.04
N ASP B 163 -4.25 -14.55 3.64
CA ASP B 163 -5.12 -13.74 4.48
C ASP B 163 -6.57 -13.87 4.02
N GLU B 164 -7.49 -13.79 4.97
CA GLU B 164 -8.92 -13.89 4.68
C GLU B 164 -9.64 -12.61 5.08
N VAL B 165 -9.73 -11.65 4.16
CA VAL B 165 -10.40 -10.39 4.44
C VAL B 165 -11.70 -10.70 5.16
N GLU B 166 -11.92 -10.09 6.32
CA GLU B 166 -13.14 -10.35 7.07
C GLU B 166 -14.19 -9.26 6.85
N LYS B 167 -13.75 -8.00 6.90
CA LYS B 167 -14.65 -6.86 6.73
C LYS B 167 -13.97 -5.65 6.11
N ILE B 168 -14.30 -5.36 4.86
CA ILE B 168 -13.78 -4.22 4.10
C ILE B 168 -14.74 -3.04 4.26
N GLU B 169 -14.26 -1.89 4.71
CA GLU B 169 -15.13 -0.72 4.86
C GLU B 169 -14.45 0.63 4.63
N GLY B 170 -15.14 1.52 3.92
CA GLY B 170 -14.55 2.82 3.66
C GLY B 170 -15.36 3.84 2.86
N ILE B 171 -14.69 4.92 2.49
CA ILE B 171 -15.30 6.00 1.73
C ILE B 171 -14.58 6.01 0.39
N PHE B 172 -15.25 5.49 -0.63
CA PHE B 172 -14.65 5.35 -1.94
C PHE B 172 -14.86 6.41 -3.00
N SER B 173 -15.77 7.36 -2.78
CA SER B 173 -16.02 8.39 -3.78
C SER B 173 -15.33 9.74 -3.52
N GLY B 174 -14.68 10.27 -4.56
CA GLY B 174 -14.00 11.54 -4.42
C GLY B 174 -14.95 12.66 -4.08
N THR B 175 -15.94 12.86 -4.93
CA THR B 175 -16.95 13.91 -4.77
C THR B 175 -17.72 13.73 -3.46
N LEU B 176 -18.34 12.57 -3.29
CA LEU B 176 -19.08 12.29 -2.09
C LEU B 176 -18.18 12.56 -0.88
N SER B 177 -16.95 12.06 -0.91
CA SER B 177 -16.03 12.30 0.20
C SER B 177 -15.97 13.81 0.42
N TYR B 178 -15.54 14.53 -0.60
CA TYR B 178 -15.45 15.99 -0.52
C TYR B 178 -16.73 16.57 0.07
N ILE B 179 -17.86 16.26 -0.56
CA ILE B 179 -19.15 16.75 -0.13
C ILE B 179 -19.39 16.58 1.36
N PHE B 180 -19.28 15.36 1.85
CA PHE B 180 -19.52 15.12 3.26
C PHE B 180 -18.46 15.71 4.16
N ASN B 181 -17.22 15.65 3.72
CA ASN B 181 -16.15 16.21 4.52
C ASN B 181 -16.48 17.68 4.78
N GLU B 182 -17.34 18.24 3.93
CA GLU B 182 -17.72 19.64 4.06
C GLU B 182 -19.06 19.82 4.74
N PHE B 183 -19.97 18.84 4.57
CA PHE B 183 -21.31 18.95 5.15
C PHE B 183 -21.44 18.48 6.59
N SER B 184 -20.69 17.44 6.94
CA SER B 184 -20.75 16.91 8.30
C SER B 184 -19.37 17.03 8.90
N THR B 185 -19.21 18.02 9.78
CA THR B 185 -17.91 18.26 10.41
C THR B 185 -17.91 18.14 11.93
N SER B 186 -16.71 18.01 12.51
CA SER B 186 -16.53 17.89 13.94
C SER B 186 -17.36 18.96 14.65
N GLN B 187 -17.09 20.21 14.30
CA GLN B 187 -17.82 21.32 14.89
C GLN B 187 -19.15 21.51 14.16
N ALA B 188 -20.25 21.26 14.88
CA ALA B 188 -21.59 21.40 14.31
C ALA B 188 -21.62 22.60 13.36
N ASN B 189 -21.40 22.34 12.08
CA ASN B 189 -21.38 23.37 11.07
C ASN B 189 -22.80 23.84 10.80
N ASP B 190 -23.04 24.41 9.63
CA ASP B 190 -24.37 24.88 9.29
C ASP B 190 -24.54 25.00 7.80
N VAL B 191 -23.90 24.10 7.06
CA VAL B 191 -23.99 24.10 5.61
C VAL B 191 -25.10 23.21 5.12
N LYS B 192 -25.96 23.75 4.25
CA LYS B 192 -27.06 22.98 3.70
C LYS B 192 -26.44 22.04 2.69
N PHE B 193 -26.92 20.79 2.70
CA PHE B 193 -26.42 19.75 1.81
C PHE B 193 -26.29 20.20 0.36
N SER B 194 -27.37 20.75 -0.18
CA SER B 194 -27.37 21.20 -1.56
C SER B 194 -26.41 22.38 -1.82
N ASP B 195 -25.98 23.06 -0.77
CA ASP B 195 -25.06 24.17 -0.94
C ASP B 195 -23.64 23.69 -1.16
N VAL B 196 -23.21 22.69 -0.39
CA VAL B 196 -21.87 22.17 -0.58
C VAL B 196 -21.94 21.34 -1.85
N VAL B 197 -23.15 21.07 -2.30
CA VAL B 197 -23.36 20.31 -3.52
C VAL B 197 -23.19 21.19 -4.76
N LYS B 198 -23.74 22.41 -4.73
CA LYS B 198 -23.61 23.33 -5.85
C LYS B 198 -22.16 23.79 -5.87
N VAL B 199 -21.62 24.00 -4.68
CA VAL B 199 -20.24 24.44 -4.52
C VAL B 199 -19.35 23.37 -5.15
N ALA B 200 -19.78 22.12 -5.04
CA ALA B 200 -19.02 21.02 -5.62
C ALA B 200 -19.11 21.14 -7.15
N LYS B 201 -20.34 21.34 -7.61
CA LYS B 201 -20.63 21.48 -9.02
C LYS B 201 -19.86 22.63 -9.64
N LYS B 202 -19.83 23.76 -8.93
CA LYS B 202 -19.14 24.96 -9.43
C LYS B 202 -17.64 24.81 -9.63
N LEU B 203 -16.99 24.04 -8.75
CA LEU B 203 -15.55 23.83 -8.84
C LEU B 203 -15.19 22.63 -9.69
N GLY B 204 -16.18 22.06 -10.34
CA GLY B 204 -15.93 20.91 -11.20
C GLY B 204 -15.59 19.64 -10.45
N TYR B 205 -15.90 19.58 -9.16
CA TYR B 205 -15.61 18.36 -8.40
C TYR B 205 -16.64 17.31 -8.80
N THR B 206 -17.87 17.75 -9.07
CA THR B 206 -18.94 16.85 -9.47
C THR B 206 -19.08 16.82 -10.99
N GLU B 207 -19.81 15.83 -11.50
CA GLU B 207 -20.02 15.72 -12.95
C GLU B 207 -20.95 16.85 -13.34
N PRO B 208 -21.08 17.13 -14.64
CA PRO B 208 -21.98 18.22 -15.06
C PRO B 208 -23.35 18.14 -14.38
N ASP B 209 -23.83 16.93 -14.16
CA ASP B 209 -25.12 16.68 -13.50
C ASP B 209 -24.87 15.92 -12.20
N PRO B 210 -24.72 16.64 -11.07
CA PRO B 210 -24.47 16.09 -9.73
C PRO B 210 -25.17 14.79 -9.38
N ARG B 211 -26.27 14.50 -10.06
CA ARG B 211 -27.02 13.28 -9.81
C ARG B 211 -26.20 12.01 -10.11
N ASP B 212 -25.48 12.04 -11.23
CA ASP B 212 -24.64 10.93 -11.66
C ASP B 212 -23.63 10.57 -10.58
N ASP B 213 -23.55 11.42 -9.56
CA ASP B 213 -22.64 11.22 -8.43
C ASP B 213 -23.37 10.86 -7.14
N LEU B 214 -24.61 11.31 -7.02
CA LEU B 214 -25.39 11.04 -5.83
C LEU B 214 -26.13 9.71 -5.89
N ASN B 215 -26.10 9.05 -7.04
CA ASN B 215 -26.79 7.77 -7.19
C ASN B 215 -26.06 6.61 -6.51
N GLY B 216 -24.89 6.88 -5.93
CA GLY B 216 -24.13 5.82 -5.29
C GLY B 216 -23.46 4.90 -6.30
N LEU B 217 -23.85 5.01 -7.56
CA LEU B 217 -23.30 4.20 -8.66
C LEU B 217 -21.79 3.95 -8.47
N ASP B 218 -20.99 5.00 -8.60
CA ASP B 218 -19.54 4.92 -8.46
C ASP B 218 -19.13 4.04 -7.26
N VAL B 219 -19.52 4.46 -6.07
CA VAL B 219 -19.20 3.70 -4.86
C VAL B 219 -19.64 2.25 -5.02
N ALA B 220 -20.90 2.05 -5.36
CA ALA B 220 -21.46 0.72 -5.55
C ALA B 220 -20.55 -0.14 -6.41
N ARG B 221 -19.97 0.47 -7.44
CA ARG B 221 -19.07 -0.25 -8.33
C ARG B 221 -17.75 -0.57 -7.65
N LYS B 222 -17.18 0.42 -6.99
CA LYS B 222 -15.92 0.24 -6.28
C LYS B 222 -16.03 -0.85 -5.23
N VAL B 223 -17.09 -0.81 -4.44
CA VAL B 223 -17.29 -1.83 -3.42
C VAL B 223 -17.36 -3.21 -4.08
N THR B 224 -18.16 -3.33 -5.13
CA THR B 224 -18.30 -4.59 -5.85
C THR B 224 -16.94 -5.21 -6.15
N ILE B 225 -16.04 -4.41 -6.70
CA ILE B 225 -14.71 -4.88 -7.03
C ILE B 225 -13.97 -5.36 -5.79
N VAL B 226 -13.94 -4.52 -4.77
CA VAL B 226 -13.27 -4.87 -3.53
C VAL B 226 -13.91 -6.14 -2.97
N GLY B 227 -15.24 -6.10 -2.85
CA GLY B 227 -15.98 -7.23 -2.33
C GLY B 227 -15.67 -8.52 -3.06
N ARG B 228 -15.60 -8.43 -4.39
CA ARG B 228 -15.28 -9.61 -5.18
C ARG B 228 -13.89 -10.10 -4.78
N ILE B 229 -12.91 -9.21 -4.88
CA ILE B 229 -11.55 -9.55 -4.48
C ILE B 229 -11.57 -10.20 -3.11
N SER B 230 -12.27 -9.57 -2.18
CA SER B 230 -12.38 -10.08 -0.82
C SER B 230 -12.87 -11.51 -0.76
N GLY B 231 -13.68 -11.92 -1.73
CA GLY B 231 -14.19 -13.27 -1.75
C GLY B 231 -15.70 -13.44 -1.75
N VAL B 232 -16.43 -12.34 -1.99
CA VAL B 232 -17.88 -12.42 -2.01
C VAL B 232 -18.36 -12.45 -3.46
N GLU B 233 -19.33 -13.31 -3.75
CA GLU B 233 -19.88 -13.44 -5.10
C GLU B 233 -20.97 -12.41 -5.41
N VAL B 234 -20.56 -11.19 -5.71
CA VAL B 234 -21.50 -10.10 -6.02
C VAL B 234 -21.82 -10.13 -7.50
N GLU B 235 -23.10 -10.33 -7.81
CA GLU B 235 -23.55 -10.40 -9.20
C GLU B 235 -23.36 -9.11 -9.98
N SER B 236 -23.76 -7.97 -9.39
CA SER B 236 -23.65 -6.69 -10.07
C SER B 236 -23.53 -5.51 -9.10
N PRO B 237 -23.27 -4.30 -9.62
CA PRO B 237 -23.14 -3.11 -8.78
C PRO B 237 -24.51 -2.72 -8.21
N THR B 238 -25.53 -3.46 -8.61
CA THR B 238 -26.88 -3.18 -8.14
C THR B 238 -27.47 -4.37 -7.38
N SER B 239 -26.66 -5.39 -7.16
CA SER B 239 -27.12 -6.59 -6.47
C SER B 239 -27.22 -6.45 -4.95
N PHE B 240 -27.15 -5.22 -4.45
CA PHE B 240 -27.22 -4.99 -3.02
C PHE B 240 -27.74 -3.60 -2.74
N PRO B 241 -27.99 -3.27 -1.47
CA PRO B 241 -28.52 -1.96 -1.11
C PRO B 241 -27.53 -0.80 -1.37
N VAL B 242 -27.97 0.18 -2.15
CA VAL B 242 -27.16 1.36 -2.47
C VAL B 242 -28.10 2.53 -2.34
N GLN B 243 -27.93 3.28 -1.25
CA GLN B 243 -28.76 4.44 -0.96
C GLN B 243 -28.44 5.67 -1.79
N SER B 244 -29.23 5.90 -2.83
CA SER B 244 -29.05 7.07 -3.69
C SER B 244 -29.31 8.34 -2.90
N LEU B 245 -28.33 9.24 -2.92
CA LEU B 245 -28.42 10.51 -2.22
C LEU B 245 -29.29 11.47 -3.00
N ILE B 246 -29.89 10.97 -4.08
CA ILE B 246 -30.78 11.77 -4.92
C ILE B 246 -32.21 11.60 -4.40
N PRO B 247 -32.88 12.72 -4.08
CA PRO B 247 -34.25 12.60 -3.59
C PRO B 247 -35.04 11.69 -4.55
N LYS B 248 -36.19 11.20 -4.11
CA LYS B 248 -36.98 10.33 -4.97
C LYS B 248 -37.59 11.22 -6.05
N PRO B 249 -38.23 12.32 -5.63
CA PRO B 249 -38.85 13.24 -6.59
C PRO B 249 -37.90 13.70 -7.71
N LEU B 250 -36.82 14.36 -7.30
CA LEU B 250 -35.82 14.93 -8.21
C LEU B 250 -35.18 14.03 -9.25
N GLU B 251 -35.37 12.73 -9.12
CA GLU B 251 -34.80 11.77 -10.08
C GLU B 251 -35.38 12.02 -11.48
N SER B 252 -36.65 12.43 -11.52
CA SER B 252 -37.36 12.66 -12.77
C SER B 252 -37.03 13.95 -13.53
N VAL B 253 -36.88 15.07 -12.82
CA VAL B 253 -36.60 16.33 -13.51
C VAL B 253 -35.57 16.18 -14.64
N LYS B 254 -35.80 16.88 -15.74
CA LYS B 254 -34.90 16.84 -16.88
C LYS B 254 -33.71 17.73 -16.65
N SER B 255 -33.99 19.03 -16.56
CA SER B 255 -32.98 20.07 -16.37
C SER B 255 -32.03 19.78 -15.22
N ALA B 256 -30.75 19.65 -15.56
CA ALA B 256 -29.71 19.39 -14.58
C ALA B 256 -29.78 20.52 -13.57
N ASP B 257 -30.28 21.66 -14.06
CA ASP B 257 -30.42 22.85 -13.24
C ASP B 257 -31.66 22.83 -12.35
N GLU B 258 -32.80 22.32 -12.86
CA GLU B 258 -34.00 22.29 -12.03
C GLU B 258 -33.81 21.34 -10.86
N PHE B 259 -32.92 20.37 -11.04
CA PHE B 259 -32.64 19.41 -9.99
C PHE B 259 -31.93 20.18 -8.88
N LEU B 260 -30.89 20.90 -9.25
CA LEU B 260 -30.11 21.67 -8.29
C LEU B 260 -30.91 22.76 -7.61
N GLU B 261 -31.75 23.45 -8.38
CA GLU B 261 -32.59 24.54 -7.89
C GLU B 261 -33.69 23.99 -6.96
N LYS B 262 -33.85 22.67 -6.98
CA LYS B 262 -34.85 22.01 -6.15
C LYS B 262 -34.25 21.15 -5.04
N LEU B 263 -32.97 20.83 -5.16
CA LEU B 263 -32.33 19.99 -4.16
C LEU B 263 -32.43 20.60 -2.76
N SER B 264 -32.63 21.91 -2.70
CA SER B 264 -32.74 22.63 -1.43
C SER B 264 -33.99 22.26 -0.66
N ASP B 265 -34.97 21.71 -1.37
CA ASP B 265 -36.23 21.33 -0.75
C ASP B 265 -36.17 20.00 -0.01
N TYR B 266 -34.98 19.40 0.03
CA TYR B 266 -34.80 18.12 0.70
C TYR B 266 -33.59 18.19 1.60
N ASP B 267 -33.16 19.40 1.90
CA ASP B 267 -32.00 19.62 2.75
C ASP B 267 -32.26 19.23 4.20
N LYS B 268 -33.44 19.57 4.71
CA LYS B 268 -33.78 19.24 6.10
C LYS B 268 -33.66 17.75 6.37
N ASP B 269 -34.20 16.93 5.47
CA ASP B 269 -34.16 15.49 5.63
C ASP B 269 -32.76 15.07 6.04
N LEU B 270 -31.78 15.51 5.25
CA LEU B 270 -30.39 15.20 5.50
C LEU B 270 -29.80 16.10 6.60
N THR B 271 -30.50 17.18 6.92
CA THR B 271 -30.01 18.12 7.93
C THR B 271 -30.29 17.63 9.33
N GLN B 272 -31.45 16.98 9.52
CA GLN B 272 -31.82 16.46 10.83
C GLN B 272 -30.83 15.35 11.17
N LEU B 273 -30.57 14.49 10.19
CA LEU B 273 -29.64 13.37 10.35
C LEU B 273 -28.31 13.86 10.91
N LYS B 274 -27.85 14.99 10.38
CA LYS B 274 -26.60 15.60 10.83
C LYS B 274 -26.75 16.18 12.23
N LYS B 275 -27.98 16.54 12.60
CA LYS B 275 -28.25 17.08 13.92
C LYS B 275 -28.29 15.89 14.86
N GLU B 276 -28.97 14.83 14.43
CA GLU B 276 -29.05 13.60 15.21
C GLU B 276 -27.65 13.14 15.53
N ALA B 277 -26.67 13.82 14.96
CA ALA B 277 -25.26 13.50 15.18
C ALA B 277 -24.80 14.14 16.49
N ALA B 278 -25.76 14.65 17.24
CA ALA B 278 -25.50 15.22 18.56
C ALA B 278 -25.33 13.95 19.37
N THR B 279 -25.77 12.86 18.76
CA THR B 279 -25.67 11.53 19.34
C THR B 279 -24.23 11.44 19.77
N GLU B 280 -24.02 11.64 21.07
CA GLU B 280 -22.67 11.61 21.61
C GLU B 280 -21.91 12.68 20.84
N ASN B 281 -21.24 12.26 19.78
CA ASN B 281 -20.45 13.15 18.95
C ASN B 281 -20.20 12.45 17.62
N LYS B 282 -21.12 12.56 16.68
CA LYS B 282 -20.92 11.89 15.38
C LYS B 282 -20.97 12.80 14.15
N VAL B 283 -20.43 12.31 13.04
CA VAL B 283 -20.43 13.05 11.78
C VAL B 283 -21.06 12.12 10.77
N LEU B 284 -21.41 12.63 9.59
CA LEU B 284 -22.04 11.80 8.59
C LEU B 284 -21.10 11.52 7.42
N ARG B 285 -21.10 10.28 6.93
CA ARG B 285 -20.25 9.91 5.82
C ARG B 285 -20.93 8.86 4.94
N PHE B 286 -20.63 8.89 3.65
CA PHE B 286 -21.19 7.94 2.70
C PHE B 286 -20.13 6.86 2.54
N ILE B 287 -20.43 5.64 2.99
CA ILE B 287 -19.44 4.58 2.92
C ILE B 287 -19.78 3.33 2.14
N GLY B 288 -18.76 2.53 1.88
CA GLY B 288 -18.91 1.27 1.19
C GLY B 288 -18.71 0.28 2.31
N LYS B 289 -19.18 -0.95 2.15
CA LYS B 289 -19.05 -1.93 3.22
C LYS B 289 -19.22 -3.35 2.67
N VAL B 290 -18.26 -4.21 2.99
CA VAL B 290 -18.29 -5.60 2.54
C VAL B 290 -17.98 -6.48 3.75
N ASP B 291 -18.93 -7.33 4.13
CA ASP B 291 -18.74 -8.21 5.28
C ASP B 291 -18.66 -9.65 4.81
N VAL B 292 -17.48 -10.05 4.34
CA VAL B 292 -17.24 -11.38 3.84
C VAL B 292 -18.08 -12.45 4.55
N ALA B 293 -17.89 -12.59 5.84
CA ALA B 293 -18.64 -13.57 6.63
C ALA B 293 -20.07 -13.76 6.11
N THR B 294 -20.93 -12.79 6.38
CA THR B 294 -22.33 -12.87 5.96
C THR B 294 -22.57 -12.53 4.48
N LYS B 295 -21.51 -12.47 3.69
CA LYS B 295 -21.63 -12.14 2.27
C LYS B 295 -22.52 -10.92 2.06
N SER B 296 -22.50 -9.98 3.01
CA SER B 296 -23.34 -8.79 2.93
C SER B 296 -22.64 -7.49 2.52
N VAL B 297 -22.90 -7.07 1.29
CA VAL B 297 -22.35 -5.82 0.78
C VAL B 297 -23.42 -4.75 0.90
N SER B 298 -23.02 -3.49 0.91
CA SER B 298 -23.96 -2.39 1.02
C SER B 298 -23.25 -1.05 0.98
N VAL B 299 -23.89 -0.05 0.36
CA VAL B 299 -23.30 1.28 0.30
C VAL B 299 -24.38 2.27 0.71
N GLY B 300 -24.01 3.22 1.56
CA GLY B 300 -24.98 4.20 2.02
C GLY B 300 -24.46 5.11 3.11
N ILE B 301 -25.38 5.78 3.78
CA ILE B 301 -25.02 6.69 4.85
C ILE B 301 -24.81 5.98 6.17
N GLU B 302 -23.61 6.13 6.72
CA GLU B 302 -23.27 5.54 8.01
C GLU B 302 -22.79 6.67 8.92
N LYS B 303 -23.25 6.68 10.16
CA LYS B 303 -22.86 7.72 11.10
C LYS B 303 -21.72 7.29 12.01
N TYR B 304 -20.61 8.00 11.93
CA TYR B 304 -19.43 7.69 12.72
C TYR B 304 -19.23 8.66 13.88
N ASP B 305 -18.45 8.22 14.87
CA ASP B 305 -18.15 9.00 16.06
C ASP B 305 -17.04 10.01 15.75
N TYR B 306 -17.02 11.12 16.46
CA TYR B 306 -16.00 12.16 16.26
C TYR B 306 -14.59 11.61 16.35
N SER B 307 -14.31 10.87 17.43
CA SER B 307 -12.99 10.28 17.64
C SER B 307 -12.53 9.49 16.41
N HIS B 308 -13.49 8.81 15.77
CA HIS B 308 -13.22 8.00 14.60
C HIS B 308 -12.45 8.80 13.56
N PRO B 309 -11.45 8.17 12.92
CA PRO B 309 -10.64 8.82 11.90
C PRO B 309 -11.46 9.39 10.75
N PHE B 310 -12.37 8.58 10.22
CA PHE B 310 -13.23 8.99 9.11
C PHE B 310 -13.79 10.39 9.36
N ALA B 311 -14.28 10.62 10.58
CA ALA B 311 -14.84 11.91 10.96
C ALA B 311 -13.74 12.97 11.00
N SER B 312 -12.66 12.70 10.29
CA SER B 312 -11.52 13.62 10.23
C SER B 312 -10.77 13.48 8.91
N LEU B 313 -11.50 13.57 7.81
CA LEU B 313 -10.88 13.47 6.49
C LEU B 313 -10.84 14.84 5.85
N LYS B 314 -9.70 15.18 5.25
CA LYS B 314 -9.56 16.46 4.59
C LYS B 314 -9.76 16.35 3.08
N GLY B 315 -10.13 17.45 2.46
CA GLY B 315 -10.36 17.46 1.03
C GLY B 315 -11.31 16.39 0.55
N SER B 316 -10.91 15.67 -0.48
CA SER B 316 -11.70 14.60 -1.05
C SER B 316 -10.90 13.30 -0.99
N ASP B 317 -10.48 12.91 0.22
CA ASP B 317 -9.68 11.71 0.37
C ASP B 317 -10.52 10.45 0.55
N ASN B 318 -10.05 9.35 -0.02
CA ASN B 318 -10.73 8.07 0.11
C ASN B 318 -10.03 7.31 1.21
N VAL B 319 -10.80 6.77 2.14
CA VAL B 319 -10.22 5.99 3.22
C VAL B 319 -10.90 4.65 3.23
N ILE B 320 -10.11 3.60 3.38
CA ILE B 320 -10.66 2.25 3.41
C ILE B 320 -10.02 1.45 4.50
N SER B 321 -10.84 0.69 5.20
CA SER B 321 -10.37 -0.15 6.28
C SER B 321 -10.41 -1.61 5.82
N ILE B 322 -9.47 -2.41 6.32
CA ILE B 322 -9.44 -3.81 5.96
C ILE B 322 -9.12 -4.63 7.21
N LYS B 323 -10.17 -5.16 7.82
CA LYS B 323 -10.04 -5.99 9.02
C LYS B 323 -10.00 -7.43 8.54
N THR B 324 -8.88 -8.10 8.74
CA THR B 324 -8.77 -9.48 8.29
C THR B 324 -8.57 -10.46 9.42
N LYS B 325 -8.08 -11.64 9.05
CA LYS B 325 -7.83 -12.70 10.01
C LYS B 325 -6.60 -12.28 10.80
N ARG B 326 -5.49 -12.09 10.10
CA ARG B 326 -4.23 -11.70 10.73
C ARG B 326 -4.25 -10.26 11.22
N TYR B 327 -4.92 -9.38 10.46
CA TYR B 327 -5.01 -7.97 10.85
C TYR B 327 -6.24 -7.69 11.69
N THR B 328 -6.39 -8.41 12.80
CA THR B 328 -7.53 -8.19 13.67
C THR B 328 -7.71 -6.68 13.80
N ASN B 329 -6.60 -5.99 14.05
CA ASN B 329 -6.62 -4.53 14.13
C ASN B 329 -6.59 -4.10 12.66
N PRO B 330 -7.74 -3.66 12.12
CA PRO B 330 -7.86 -3.24 10.72
C PRO B 330 -6.77 -2.33 10.20
N VAL B 331 -6.41 -2.56 8.94
CA VAL B 331 -5.40 -1.75 8.28
C VAL B 331 -6.17 -0.61 7.63
N VAL B 332 -5.78 0.61 7.96
CA VAL B 332 -6.46 1.74 7.39
C VAL B 332 -5.56 2.52 6.45
N ILE B 333 -5.96 2.52 5.19
CA ILE B 333 -5.25 3.20 4.13
C ILE B 333 -6.12 4.36 3.67
N GLN B 334 -5.58 5.57 3.73
CA GLN B 334 -6.33 6.75 3.29
C GLN B 334 -5.43 7.70 2.52
N GLY B 335 -6.00 8.34 1.50
CA GLY B 335 -5.26 9.29 0.68
C GLY B 335 -6.11 9.80 -0.46
N ALA B 336 -5.50 10.49 -1.41
CA ALA B 336 -6.22 11.02 -2.58
C ALA B 336 -6.85 9.92 -3.42
N GLY B 337 -8.19 9.88 -3.39
CA GLY B 337 -8.94 8.88 -4.15
C GLY B 337 -9.32 9.34 -5.54
N ALA B 338 -8.97 10.58 -5.85
CA ALA B 338 -9.23 11.17 -7.16
C ALA B 338 -8.00 11.98 -7.53
N GLY B 339 -8.03 12.61 -8.70
CA GLY B 339 -6.90 13.43 -9.12
C GLY B 339 -6.22 12.99 -10.41
N ALA B 340 -5.93 13.96 -11.27
CA ALA B 340 -5.28 13.68 -12.54
C ALA B 340 -3.96 12.92 -12.37
N ALA B 341 -2.98 13.58 -11.75
CA ALA B 341 -1.67 12.97 -11.54
C ALA B 341 -1.82 11.74 -10.67
N VAL B 342 -2.30 11.96 -9.46
CA VAL B 342 -2.53 10.90 -8.49
C VAL B 342 -3.07 9.62 -9.14
N THR B 343 -4.11 9.78 -9.96
CA THR B 343 -4.74 8.63 -10.63
C THR B 343 -3.92 7.99 -11.74
N ALA B 344 -3.39 8.83 -12.62
CA ALA B 344 -2.58 8.34 -13.73
C ALA B 344 -1.42 7.54 -13.17
N ALA B 345 -0.78 8.09 -12.13
CA ALA B 345 0.35 7.45 -11.48
C ALA B 345 0.01 6.03 -11.02
N GLY B 346 -1.23 5.82 -10.62
CA GLY B 346 -1.65 4.51 -10.19
C GLY B 346 -1.67 3.63 -11.41
N VAL B 347 -1.98 4.23 -12.54
CA VAL B 347 -2.04 3.53 -13.83
C VAL B 347 -0.63 3.26 -14.32
N LEU B 348 0.19 4.30 -14.38
CA LEU B 348 1.57 4.18 -14.83
C LEU B 348 2.28 3.14 -13.97
N GLY B 349 2.03 3.21 -12.66
CA GLY B 349 2.63 2.28 -11.75
C GLY B 349 2.18 0.89 -12.14
N ASP B 350 0.92 0.79 -12.54
CA ASP B 350 0.37 -0.50 -12.94
C ASP B 350 1.12 -1.03 -14.15
N VAL B 351 1.17 -0.23 -15.21
CA VAL B 351 1.86 -0.63 -16.42
C VAL B 351 3.22 -1.22 -16.07
N ILE B 352 3.91 -0.56 -15.14
CA ILE B 352 5.23 -1.00 -14.69
C ILE B 352 5.15 -2.41 -14.10
N LYS B 353 4.22 -2.60 -13.18
CA LYS B 353 4.05 -3.91 -12.55
C LYS B 353 3.82 -5.00 -13.59
N ILE B 354 3.48 -4.59 -14.80
CA ILE B 354 3.24 -5.53 -15.89
C ILE B 354 4.54 -5.81 -16.63
N ALA B 355 5.14 -4.74 -17.17
CA ALA B 355 6.40 -4.85 -17.91
C ALA B 355 7.36 -5.82 -17.26
N GLN B 356 7.52 -5.70 -15.95
CA GLN B 356 8.43 -6.56 -15.20
C GLN B 356 8.01 -8.03 -15.29
N ARG B 357 6.75 -8.28 -15.61
CA ARG B 357 6.26 -9.65 -15.71
C ARG B 357 6.33 -10.23 -17.12
N LEU B 358 6.27 -9.37 -18.12
CA LEU B 358 6.32 -9.81 -19.50
C LEU B 358 7.76 -10.08 -19.96
O 178 C . 16.25 -7.56 15.70
C1 178 C . 14.87 -7.54 15.56
C2 178 C . 14.28 -6.71 14.57
C2A 178 C . 15.13 -5.86 13.69
C2B 178 C . 14.77 -4.40 13.88
C2G 178 C . 14.93 -6.26 12.24
C3 178 C . 12.88 -6.70 14.43
C4 178 C . 12.08 -7.51 15.27
C5 178 C . 12.68 -8.34 16.24
C6 178 C . 14.06 -8.35 16.39
S 178 C . 10.39 -7.50 15.09
O' 178 C . 9.03 -2.07 16.95
C1' 178 C . 9.36 -3.34 16.51
C2' 178 C . 9.94 -4.27 17.42
C2X 178 C . 10.22 -3.87 18.83
C2Y 178 C . 9.47 -4.79 19.79
C2Z 178 C . 11.71 -3.97 19.11
C3' 178 C . 10.26 -5.56 16.96
C4' 178 C . 10.00 -5.93 15.63
C5' 178 C . 9.42 -5.01 14.75
C6' 178 C . 9.09 -3.73 15.18
O 178 D . -16.45 7.51 -15.82
C1 178 D . -15.52 8.02 -14.95
C2 178 D . -14.93 7.19 -13.97
C2A 178 D . -15.33 5.74 -13.86
C2B 178 D . -15.91 5.47 -12.49
C2G 178 D . -14.12 4.86 -14.08
C3 178 D . -13.97 7.72 -13.08
C4 178 D . -13.59 9.07 -13.19
C5 178 D . -14.18 9.90 -14.18
C6 178 D . -15.14 9.38 -15.05
S 178 D . -12.43 9.72 -12.13
O' 178 D . -15.32 9.61 -7.00
C1' 178 D . -14.65 9.65 -8.20
C2' 178 D . -15.13 10.45 -9.26
C2X 178 D . -16.36 11.28 -9.08
C2Y 178 D . -16.04 12.75 -9.30
C2Z 178 D . -17.42 10.85 -10.07
C3' 178 D . -14.43 10.47 -10.48
C4' 178 D . -13.27 9.69 -10.65
C5' 178 D . -12.80 8.89 -9.59
C6' 178 D . -13.48 8.87 -8.38
#